data_9LZT
#
_entry.id   9LZT
#
_cell.length_a   1.00
_cell.length_b   1.00
_cell.length_c   1.00
_cell.angle_alpha   90.00
_cell.angle_beta   90.00
_cell.angle_gamma   90.00
#
_symmetry.space_group_name_H-M   'P 1'
#
loop_
_entity.id
_entity.type
_entity.pdbx_description
1 polymer 'RNA (51-MER)'
2 polymer RfxCas13d
3 non-polymer 'MAGNESIUM ION'
#
loop_
_entity_poly.entity_id
_entity_poly.type
_entity_poly.pdbx_seq_one_letter_code
_entity_poly.pdbx_strand_id
1 'polyribonucleotide' AACCCCUACCAACUGGUCGGGGUUUGAAACCAAAGACGACUCGUCCCACAG A
2 'polypeptide(L)'
;IEKKKSFAKGMGVKSTLVSGSKVYMTTFAEGSDARLEKIVEGDSIRSVNEGEAFSAEMADKNAGYKIGNAKFSHPKGYAV
VANNPLYTGPVQQDMLGLKETLEKRYFGESADGNDNICIQVIHNILDIEKILAEYITNAAYAVNNISGLDKDIIGFGKFS
TVYTYDEFKDPEHHRAAFNNNDKLINAIKAQYDEFDNFLDNPRLGYFGQAFFSKEGRNYIINYGNECYDILALLSGLAHW
VVANNEEESRISRTWLYNLDKNLDNEYISTLNYLYDRITNELTNSFSKNSAANVNYIAETLGINPAEFAEQYFRFSIMKE
QKNLGFNITKLREVMLDRKDMSEIRKNHKVFDSIRTKVYTMMDFVIYRYYIEEDAKVAAANKSLPDNEKSLSEKDIFVIN
LRGSFNDDQKDALYYDEANRIWRKLENIMHNIKEFRGNKTREYKKKDAPRLPRILPAGRDVSAFSKLMYALTMFLDGKEI
NDLLTTLINKFDNIQSFLKVMPLIGVNAKFVEEYAFFKDSAKIADELRLIKSFARMGEPIADARRAMYIDAIRILGTNLS
YDELKALADTFSLDENGNKLKKGKHGMRNFIINNVISNKRFHYLIRYGDPAHLHEIAKNEAVVKFVLGRIADIQKKQGQN
GKNQIDRYYETCIGKDKGKSVSEKVDALTKIITGMNYDQFDKKRSVIEDTGRENAEREKFKKIISLYLTVIYHILKNIVN
INARYVIGFHCVERDAQLYKEKGYDINLKKLEEKGFSSVTKLCAGIDETAPDKRKDVEKEMAERAKESIDSLESANPKLY
ANYIKYSDEKKAEEFTRQINREKAKTALNAYLRNTKWNVIIREDLLRIDNKTCTLFANKAVALEVARYVHAYINDIAEVN
SYFQLYHYIMQRIIMNERYEKSSGKVSEYFDAVNDEKKYNDRLLKLLCVPFGYCIPRFKNLSIEALFDRNEAAKFDKEKK
KVSGNS
;
B
#
loop_
_chem_comp.id
_chem_comp.type
_chem_comp.name
_chem_comp.formula
A RNA linking ADENOSINE-5'-MONOPHOSPHATE 'C10 H14 N5 O7 P'
C RNA linking CYTIDINE-5'-MONOPHOSPHATE 'C9 H14 N3 O8 P'
G RNA linking GUANOSINE-5'-MONOPHOSPHATE 'C10 H14 N5 O8 P'
MG non-polymer 'MAGNESIUM ION' 'Mg 2'
U RNA linking URIDINE-5'-MONOPHOSPHATE 'C9 H13 N2 O9 P'
#
# COMPACT_ATOMS: atom_id res chain seq x y z
N ALA B 8 13.79 -13.90 18.09
CA ALA B 8 13.76 -15.35 18.24
C ALA B 8 12.56 -15.95 17.52
N LYS B 9 12.20 -15.35 16.38
CA LYS B 9 11.07 -15.84 15.61
C LYS B 9 11.33 -17.21 15.01
N GLY B 10 12.61 -17.53 14.73
CA GLY B 10 12.92 -18.82 14.15
C GLY B 10 12.71 -19.97 15.12
N MET B 11 12.98 -19.74 16.41
CA MET B 11 12.79 -20.76 17.42
C MET B 11 11.33 -20.98 17.78
N GLY B 12 10.45 -20.06 17.40
CA GLY B 12 9.04 -20.15 17.74
C GLY B 12 8.56 -19.18 18.79
N VAL B 13 9.28 -18.08 19.00
CA VAL B 13 8.96 -17.13 20.06
C VAL B 13 8.19 -15.97 19.44
N LYS B 14 6.90 -15.86 19.79
CA LYS B 14 6.08 -14.72 19.41
C LYS B 14 5.48 -14.15 20.70
N SER B 15 6.31 -13.98 21.71
CA SER B 15 5.84 -13.71 23.06
C SER B 15 5.40 -12.27 23.22
N THR B 16 4.35 -12.07 24.02
CA THR B 16 3.96 -10.74 24.46
C THR B 16 4.86 -10.31 25.62
N LEU B 17 4.76 -9.03 25.98
CA LEU B 17 5.63 -8.46 26.99
C LEU B 17 4.90 -8.02 28.26
N VAL B 18 3.88 -7.18 28.12
CA VAL B 18 3.20 -6.58 29.27
C VAL B 18 1.76 -7.06 29.30
N SER B 19 1.35 -7.63 30.43
CA SER B 19 -0.04 -8.02 30.64
C SER B 19 -0.28 -8.03 32.15
N GLY B 20 -0.91 -6.97 32.65
CA GLY B 20 -1.12 -6.83 34.07
C GLY B 20 0.17 -6.60 34.83
N SER B 21 0.61 -7.61 35.59
CA SER B 21 1.87 -7.53 36.31
C SER B 21 2.73 -8.76 36.05
N LYS B 22 2.42 -9.52 35.00
CA LYS B 22 3.18 -10.72 34.65
C LYS B 22 3.53 -10.67 33.17
N VAL B 23 4.49 -11.51 32.78
CA VAL B 23 4.93 -11.63 31.39
C VAL B 23 4.40 -12.94 30.84
N TYR B 24 3.41 -12.84 29.95
CA TYR B 24 2.79 -14.00 29.34
C TYR B 24 3.45 -14.24 27.98
N MET B 25 4.39 -15.18 27.95
CA MET B 25 5.13 -15.49 26.73
C MET B 25 4.29 -16.40 25.85
N THR B 26 3.84 -15.88 24.71
CA THR B 26 3.04 -16.66 23.77
C THR B 26 3.96 -17.41 22.80
N THR B 27 3.35 -18.16 21.90
CA THR B 27 4.09 -18.96 20.92
C THR B 27 3.32 -18.93 19.61
N PHE B 28 3.69 -19.82 18.69
CA PHE B 28 3.10 -19.86 17.36
C PHE B 28 1.61 -20.20 17.46
N ALA B 29 0.77 -19.26 17.03
CA ALA B 29 -0.68 -19.43 17.05
C ALA B 29 -1.14 -19.99 15.70
N GLU B 30 -2.45 -19.91 15.45
CA GLU B 30 -3.07 -20.36 14.21
C GLU B 30 -2.83 -21.85 13.96
N GLY B 31 -2.87 -22.65 15.01
CA GLY B 31 -2.69 -24.09 14.88
C GLY B 31 -3.62 -24.88 15.76
N SER B 32 -4.69 -24.24 16.24
CA SER B 32 -5.67 -24.83 17.17
C SER B 32 -5.01 -25.33 18.45
N ASP B 33 -3.80 -24.85 18.75
CA ASP B 33 -3.06 -25.26 19.94
C ASP B 33 -1.90 -24.28 20.10
N ALA B 34 -1.25 -24.36 21.27
CA ALA B 34 -0.10 -23.52 21.60
C ALA B 34 -0.45 -22.04 21.51
N ARG B 35 -1.38 -21.63 22.36
CA ARG B 35 -1.79 -20.23 22.44
C ARG B 35 -1.02 -19.44 23.49
N LEU B 36 -0.52 -20.12 24.52
CA LEU B 36 0.27 -19.47 25.56
C LEU B 36 1.22 -20.50 26.15
N GLU B 37 2.52 -20.32 25.92
CA GLU B 37 3.51 -21.32 26.31
C GLU B 37 4.07 -21.06 27.71
N LYS B 38 4.65 -19.89 27.92
CA LYS B 38 5.33 -19.56 29.17
C LYS B 38 4.68 -18.37 29.83
N ILE B 39 4.64 -18.39 31.17
CA ILE B 39 4.18 -17.26 31.97
C ILE B 39 5.27 -16.93 32.97
N VAL B 40 5.63 -15.65 33.07
CA VAL B 40 6.72 -15.19 33.92
C VAL B 40 6.16 -14.19 34.93
N GLU B 41 6.40 -14.47 36.21
CA GLU B 41 6.04 -13.55 37.29
C GLU B 41 7.21 -13.51 38.26
N GLY B 42 7.94 -12.40 38.28
CA GLY B 42 9.13 -12.30 39.09
C GLY B 42 10.25 -13.14 38.55
N ASP B 43 10.57 -14.24 39.24
CA ASP B 43 11.59 -15.19 38.79
C ASP B 43 10.98 -16.53 38.39
N SER B 44 9.69 -16.55 38.08
CA SER B 44 9.02 -17.80 37.74
C SER B 44 9.37 -18.25 36.34
N ILE B 45 9.28 -19.57 36.12
CA ILE B 45 9.57 -20.17 34.83
C ILE B 45 8.42 -21.10 34.47
N ARG B 46 7.30 -20.95 35.19
CA ARG B 46 6.15 -21.82 34.98
C ARG B 46 5.62 -21.70 33.55
N SER B 47 5.09 -22.81 33.05
CA SER B 47 4.53 -22.87 31.70
C SER B 47 3.06 -23.25 31.78
N VAL B 48 2.22 -22.51 31.05
CA VAL B 48 0.79 -22.81 31.03
C VAL B 48 0.54 -24.11 30.28
N ASN B 49 1.05 -24.21 29.05
CA ASN B 49 0.91 -25.41 28.25
C ASN B 49 2.05 -26.38 28.57
N GLU B 50 1.99 -27.57 27.96
CA GLU B 50 3.01 -28.59 28.16
C GLU B 50 3.60 -29.00 26.82
N GLY B 51 4.81 -29.53 26.87
CA GLY B 51 5.52 -29.97 25.69
C GLY B 51 6.92 -29.40 25.55
N GLU B 52 7.26 -28.35 26.29
CA GLU B 52 8.59 -27.73 26.26
C GLU B 52 8.94 -27.27 24.84
N ALA B 53 8.16 -26.30 24.36
CA ALA B 53 8.41 -25.75 23.03
C ALA B 53 9.73 -25.02 22.96
N PHE B 54 10.08 -24.28 24.02
CA PHE B 54 11.34 -23.56 24.08
C PHE B 54 11.66 -23.23 25.53
N SER B 55 12.94 -23.06 25.81
CA SER B 55 13.37 -22.72 27.17
C SER B 55 13.05 -21.26 27.49
N ALA B 56 12.81 -20.99 28.77
CA ALA B 56 12.49 -19.64 29.21
C ALA B 56 13.22 -19.28 30.50
N GLU B 57 14.41 -19.83 30.70
CA GLU B 57 15.19 -19.52 31.90
C GLU B 57 15.73 -18.10 31.82
N MET B 58 15.71 -17.40 32.95
CA MET B 58 16.10 -16.00 32.99
C MET B 58 17.61 -15.86 32.76
N ALA B 59 17.97 -15.21 31.67
CA ALA B 59 19.38 -15.03 31.32
C ALA B 59 19.97 -13.86 32.11
N ASP B 60 21.14 -14.10 32.71
CA ASP B 60 21.88 -13.10 33.48
C ASP B 60 21.11 -12.63 34.71
N LYS B 61 19.93 -13.22 34.95
CA LYS B 61 19.12 -13.02 36.14
C LYS B 61 18.68 -11.56 36.33
N ASN B 62 19.03 -10.69 35.39
CA ASN B 62 18.75 -9.27 35.52
C ASN B 62 17.78 -8.76 34.46
N ALA B 63 18.09 -8.95 33.17
CA ALA B 63 17.28 -8.31 32.13
C ALA B 63 17.16 -9.19 30.89
N GLY B 64 17.10 -10.50 31.04
CA GLY B 64 17.02 -11.38 29.89
C GLY B 64 16.48 -12.74 30.25
N TYR B 65 15.83 -13.37 29.28
CA TYR B 65 15.33 -14.74 29.39
C TYR B 65 16.01 -15.58 28.32
N LYS B 66 16.83 -16.54 28.73
CA LYS B 66 17.60 -17.35 27.80
C LYS B 66 16.67 -18.35 27.12
N ILE B 67 16.51 -18.21 25.81
CA ILE B 67 15.63 -19.06 25.01
C ILE B 67 16.48 -20.10 24.29
N GLY B 68 16.01 -21.35 24.31
CA GLY B 68 16.71 -22.43 23.64
C GLY B 68 15.73 -23.40 23.01
N ASN B 69 16.26 -24.24 22.13
CA ASN B 69 15.44 -25.23 21.44
C ASN B 69 16.27 -26.48 21.21
N ALA B 70 15.63 -27.51 20.66
CA ALA B 70 16.25 -28.81 20.46
C ALA B 70 16.74 -29.01 19.03
N LYS B 71 15.87 -28.83 18.04
CA LYS B 71 16.21 -29.09 16.65
C LYS B 71 15.56 -28.05 15.75
N PHE B 72 16.20 -27.80 14.62
CA PHE B 72 15.77 -26.84 13.60
C PHE B 72 15.72 -25.40 14.10
N SER B 73 16.23 -25.14 15.30
CA SER B 73 16.24 -23.78 15.84
C SER B 73 17.52 -23.49 16.60
N HIS B 74 18.63 -24.11 16.18
CA HIS B 74 19.91 -23.87 16.84
C HIS B 74 20.40 -22.46 16.54
N PRO B 75 21.15 -21.85 17.47
CA PRO B 75 21.67 -20.49 17.23
C PRO B 75 22.73 -20.43 16.12
N LYS B 76 23.27 -21.57 15.69
CA LYS B 76 24.23 -21.64 14.60
C LYS B 76 25.49 -20.81 14.86
N GLY B 77 25.98 -20.81 16.09
CA GLY B 77 27.19 -20.09 16.42
C GLY B 77 27.10 -19.50 17.81
N TYR B 78 28.00 -18.56 18.09
CA TYR B 78 28.07 -17.89 19.38
C TYR B 78 26.94 -16.86 19.45
N ALA B 79 25.86 -17.22 20.11
CA ALA B 79 24.71 -16.34 20.25
C ALA B 79 23.91 -16.75 21.47
N VAL B 80 23.24 -15.77 22.07
CA VAL B 80 22.40 -16.00 23.24
C VAL B 80 21.22 -15.03 23.16
N VAL B 81 20.00 -15.59 23.21
CA VAL B 81 18.78 -14.79 23.12
C VAL B 81 18.34 -14.39 24.51
N ALA B 82 18.00 -13.12 24.68
CA ALA B 82 17.59 -12.60 25.98
C ALA B 82 16.68 -11.40 25.78
N ASN B 83 15.67 -11.29 26.64
CA ASN B 83 14.71 -10.19 26.58
C ASN B 83 13.90 -10.17 27.87
N ASN B 84 13.63 -8.97 28.38
CA ASN B 84 12.82 -8.81 29.59
C ASN B 84 12.14 -7.44 29.58
N PRO B 85 10.82 -7.40 29.48
CA PRO B 85 10.15 -6.09 29.45
C PRO B 85 10.10 -5.39 30.79
N LEU B 86 9.84 -6.13 31.87
CA LEU B 86 9.63 -5.53 33.18
C LEU B 86 10.92 -5.08 33.85
N TYR B 87 12.07 -5.21 33.18
CA TYR B 87 13.32 -4.76 33.79
C TYR B 87 13.38 -3.24 33.91
N THR B 88 12.79 -2.53 32.95
CA THR B 88 12.81 -1.07 32.99
C THR B 88 11.87 -0.49 34.04
N GLY B 89 11.06 -1.32 34.70
CA GLY B 89 10.14 -0.84 35.70
C GLY B 89 8.72 -0.82 35.19
N PRO B 90 8.22 0.38 34.86
CA PRO B 90 6.85 0.50 34.35
C PRO B 90 6.68 -0.15 32.98
N VAL B 91 5.46 -0.07 32.43
CA VAL B 91 5.19 -0.67 31.14
C VAL B 91 5.99 0.04 30.05
N GLN B 92 6.21 -0.65 28.95
CA GLN B 92 6.94 -0.11 27.82
C GLN B 92 6.09 0.93 27.11
N GLN B 93 6.36 2.21 27.38
CA GLN B 93 5.62 3.28 26.74
C GLN B 93 5.99 3.37 25.26
N ASP B 94 5.01 3.75 24.44
CA ASP B 94 5.27 3.96 23.03
C ASP B 94 6.20 5.15 22.82
N MET B 95 6.96 5.09 21.72
CA MET B 95 7.93 6.15 21.44
C MET B 95 7.26 7.48 21.13
N LEU B 96 5.98 7.46 20.74
CA LEU B 96 5.25 8.70 20.52
C LEU B 96 4.64 9.26 21.81
N GLY B 97 4.53 8.44 22.85
CA GLY B 97 3.93 8.88 24.09
C GLY B 97 2.43 9.09 24.02
N LEU B 98 1.73 8.29 23.20
CA LEU B 98 0.29 8.45 23.00
C LEU B 98 -0.46 7.14 23.19
N LYS B 99 0.17 6.13 23.80
CA LYS B 99 -0.50 4.85 23.98
C LYS B 99 -1.70 4.97 24.91
N GLU B 100 -1.63 5.83 25.93
CA GLU B 100 -2.76 6.03 26.83
C GLU B 100 -3.94 6.64 26.08
N THR B 101 -3.68 7.65 25.25
CA THR B 101 -4.75 8.27 24.47
C THR B 101 -5.34 7.27 23.47
N LEU B 102 -4.47 6.46 22.85
CA LEU B 102 -4.96 5.47 21.89
C LEU B 102 -5.84 4.42 22.58
N GLU B 103 -5.44 3.98 23.78
CA GLU B 103 -6.26 3.01 24.50
C GLU B 103 -7.56 3.62 25.00
N LYS B 104 -7.54 4.92 25.36
CA LYS B 104 -8.78 5.58 25.75
C LYS B 104 -9.71 5.77 24.56
N ARG B 105 -9.15 5.94 23.36
CA ARG B 105 -9.98 6.11 22.17
C ARG B 105 -10.56 4.80 21.69
N TYR B 106 -9.71 3.79 21.48
CA TYR B 106 -10.17 2.54 20.89
C TYR B 106 -10.76 1.58 21.92
N PHE B 107 -10.16 1.49 23.10
CA PHE B 107 -10.61 0.56 24.12
C PHE B 107 -11.30 1.23 25.31
N GLY B 108 -11.11 2.53 25.49
CA GLY B 108 -11.72 3.22 26.62
C GLY B 108 -11.12 2.79 27.95
N GLU B 109 -11.91 2.07 28.75
CA GLU B 109 -11.46 1.58 30.05
C GLU B 109 -10.73 0.26 29.83
N SER B 110 -9.45 0.36 29.52
CA SER B 110 -8.61 -0.82 29.29
C SER B 110 -8.15 -1.39 30.63
N ALA B 111 -7.18 -2.30 30.58
CA ALA B 111 -6.65 -2.94 31.79
C ALA B 111 -5.66 -2.00 32.49
N ASP B 112 -6.19 -0.85 32.92
CA ASP B 112 -5.46 0.21 33.61
C ASP B 112 -4.07 0.43 33.05
N GLY B 113 -3.94 0.42 31.72
CA GLY B 113 -2.68 0.70 31.07
C GLY B 113 -1.59 -0.33 31.26
N ASN B 114 -1.85 -1.42 31.98
CA ASN B 114 -0.84 -2.44 32.24
C ASN B 114 -0.93 -3.56 31.20
N ASP B 115 -0.77 -3.16 29.94
CA ASP B 115 -0.79 -4.11 28.83
C ASP B 115 -0.10 -3.48 27.64
N ASN B 116 0.38 -4.33 26.74
CA ASN B 116 1.06 -3.87 25.53
C ASN B 116 0.59 -4.62 24.28
N ILE B 117 -0.53 -5.32 24.35
CA ILE B 117 -1.08 -6.00 23.18
C ILE B 117 -2.17 -5.11 22.58
N CYS B 118 -2.83 -4.32 23.43
CA CYS B 118 -3.81 -3.37 22.95
C CYS B 118 -3.17 -2.31 22.08
N ILE B 119 -1.97 -1.85 22.46
CA ILE B 119 -1.27 -0.86 21.65
C ILE B 119 -0.85 -1.46 20.32
N GLN B 120 -0.53 -2.77 20.29
CA GLN B 120 -0.19 -3.41 19.03
C GLN B 120 -1.42 -3.52 18.13
N VAL B 121 -2.58 -3.84 18.71
CA VAL B 121 -3.82 -3.86 17.94
C VAL B 121 -4.11 -2.47 17.38
N ILE B 122 -3.89 -1.43 18.19
CA ILE B 122 -4.14 -0.07 17.73
C ILE B 122 -3.18 0.32 16.61
N HIS B 123 -1.92 -0.13 16.71
CA HIS B 123 -0.96 0.15 15.64
C HIS B 123 -1.32 -0.58 14.36
N ASN B 124 -1.85 -1.80 14.46
CA ASN B 124 -2.34 -2.49 13.28
C ASN B 124 -3.52 -1.74 12.65
N ILE B 125 -4.42 -1.23 13.49
CA ILE B 125 -5.53 -0.42 12.99
C ILE B 125 -5.00 0.83 12.29
N LEU B 126 -3.96 1.46 12.86
CA LEU B 126 -3.39 2.65 12.25
C LEU B 126 -2.73 2.33 10.91
N ASP B 127 -2.09 1.17 10.80
CA ASP B 127 -1.51 0.77 9.52
C ASP B 127 -2.60 0.53 8.48
N ILE B 128 -3.71 -0.09 8.90
CA ILE B 128 -4.87 -0.23 8.03
C ILE B 128 -5.31 1.14 7.54
N GLU B 129 -5.43 2.10 8.46
CA GLU B 129 -5.88 3.45 8.09
C GLU B 129 -4.90 4.09 7.11
N LYS B 130 -3.60 3.91 7.33
CA LYS B 130 -2.60 4.50 6.43
C LYS B 130 -2.73 3.94 5.02
N ILE B 131 -2.78 2.60 4.90
CA ILE B 131 -2.84 1.99 3.58
C ILE B 131 -4.16 2.36 2.88
N LEU B 132 -5.24 2.43 3.64
CA LEU B 132 -6.53 2.79 3.06
C LEU B 132 -6.53 4.24 2.59
N ALA B 133 -5.97 5.16 3.38
CA ALA B 133 -5.88 6.55 2.96
C ALA B 133 -5.06 6.68 1.70
N GLU B 134 -3.92 5.98 1.63
CA GLU B 134 -3.08 6.01 0.45
C GLU B 134 -3.86 5.58 -0.80
N TYR B 135 -4.49 4.40 -0.74
CA TYR B 135 -5.14 3.89 -1.94
C TYR B 135 -6.41 4.65 -2.27
N ILE B 136 -7.08 5.22 -1.27
CA ILE B 136 -8.27 6.03 -1.54
C ILE B 136 -7.87 7.35 -2.20
N THR B 137 -6.76 7.94 -1.77
CA THR B 137 -6.25 9.13 -2.46
C THR B 137 -5.87 8.80 -3.90
N ASN B 138 -5.24 7.65 -4.11
CA ASN B 138 -4.88 7.25 -5.47
C ASN B 138 -6.13 7.08 -6.34
N ALA B 139 -7.15 6.40 -5.82
CA ALA B 139 -8.37 6.19 -6.59
C ALA B 139 -9.09 7.51 -6.86
N ALA B 140 -9.10 8.42 -5.87
CA ALA B 140 -9.73 9.71 -6.07
C ALA B 140 -9.02 10.51 -7.16
N TYR B 141 -7.68 10.50 -7.15
CA TYR B 141 -6.95 11.19 -8.20
C TYR B 141 -7.22 10.56 -9.57
N ALA B 142 -7.32 9.23 -9.62
CA ALA B 142 -7.61 8.57 -10.89
C ALA B 142 -8.98 8.97 -11.42
N VAL B 143 -9.98 9.01 -10.53
CA VAL B 143 -11.33 9.39 -10.96
C VAL B 143 -11.37 10.85 -11.39
N ASN B 144 -10.66 11.72 -10.67
CA ASN B 144 -10.63 13.13 -11.05
C ASN B 144 -9.91 13.34 -12.38
N ASN B 145 -8.89 12.51 -12.67
CA ASN B 145 -8.17 12.64 -13.93
C ASN B 145 -9.01 12.13 -15.10
N ILE B 146 -9.65 10.97 -14.94
CA ILE B 146 -10.45 10.42 -16.03
C ILE B 146 -11.70 11.28 -16.27
N SER B 147 -12.24 11.90 -15.22
CA SER B 147 -13.40 12.76 -15.39
C SER B 147 -13.07 13.97 -16.26
N GLY B 148 -11.82 14.43 -16.25
CA GLY B 148 -11.39 15.53 -17.07
C GLY B 148 -11.81 16.90 -16.59
N LEU B 149 -12.74 16.99 -15.66
CA LEU B 149 -13.20 18.28 -15.15
C LEU B 149 -12.16 18.89 -14.23
N ASP B 150 -12.07 20.22 -14.26
CA ASP B 150 -11.13 20.93 -13.40
C ASP B 150 -11.59 20.92 -11.95
N LYS B 151 -12.89 20.84 -11.72
CA LYS B 151 -13.42 20.81 -10.36
C LYS B 151 -13.27 19.43 -9.76
N ASP B 152 -12.78 19.37 -8.52
CA ASP B 152 -12.62 18.09 -7.82
C ASP B 152 -13.99 17.57 -7.41
N ILE B 153 -14.43 16.48 -8.05
CA ILE B 153 -15.73 15.89 -7.75
C ILE B 153 -15.67 14.84 -6.66
N ILE B 154 -14.49 14.47 -6.20
CA ILE B 154 -14.34 13.46 -5.16
C ILE B 154 -13.85 14.05 -3.84
N GLY B 155 -13.10 15.14 -3.86
CA GLY B 155 -12.56 15.73 -2.66
C GLY B 155 -13.64 16.26 -1.72
N PHE B 156 -13.17 16.82 -0.61
CA PHE B 156 -14.07 17.34 0.41
C PHE B 156 -14.86 18.53 -0.13
N GLY B 157 -16.16 18.53 0.13
CA GLY B 157 -17.06 19.59 -0.30
C GLY B 157 -18.13 19.14 -1.27
N LYS B 158 -17.97 17.97 -1.89
CA LYS B 158 -18.95 17.47 -2.84
C LYS B 158 -19.97 16.59 -2.13
N PHE B 159 -20.79 15.88 -2.90
CA PHE B 159 -21.81 15.02 -2.34
C PHE B 159 -21.18 13.86 -1.56
N SER B 160 -21.99 13.21 -0.73
CA SER B 160 -21.55 12.10 0.10
C SER B 160 -22.69 11.10 0.22
N THR B 161 -22.52 10.13 1.11
CA THR B 161 -23.51 9.08 1.32
C THR B 161 -24.67 9.52 2.19
N VAL B 162 -24.77 10.82 2.50
CA VAL B 162 -25.85 11.29 3.36
C VAL B 162 -27.16 11.42 2.57
N TYR B 163 -27.07 11.83 1.31
CA TYR B 163 -28.25 12.04 0.47
C TYR B 163 -28.37 10.90 -0.54
N THR B 164 -29.61 10.46 -0.75
CA THR B 164 -29.89 9.40 -1.72
C THR B 164 -29.98 9.98 -3.12
N TYR B 165 -30.17 9.10 -4.11
CA TYR B 165 -30.25 9.55 -5.49
C TYR B 165 -31.52 10.35 -5.76
N ASP B 166 -32.62 10.01 -5.09
CA ASP B 166 -33.85 10.76 -5.29
C ASP B 166 -33.74 12.17 -4.71
N GLU B 167 -33.11 12.30 -3.54
CA GLU B 167 -32.92 13.62 -2.95
C GLU B 167 -31.86 14.42 -3.69
N PHE B 168 -30.88 13.73 -4.27
CA PHE B 168 -29.81 14.42 -5.00
C PHE B 168 -30.27 14.90 -6.37
N LYS B 169 -31.11 14.11 -7.04
CA LYS B 169 -31.59 14.48 -8.37
C LYS B 169 -32.63 15.59 -8.29
N ASP B 170 -33.52 15.52 -7.30
CA ASP B 170 -34.62 16.48 -7.15
C ASP B 170 -34.53 17.10 -5.76
N PRO B 171 -33.67 18.11 -5.58
CA PRO B 171 -33.55 18.75 -4.27
C PRO B 171 -34.70 19.67 -3.91
N GLU B 172 -35.54 20.04 -4.86
CA GLU B 172 -36.66 20.94 -4.57
C GLU B 172 -37.78 20.23 -3.81
N HIS B 173 -38.13 19.02 -4.24
CA HIS B 173 -39.18 18.26 -3.57
C HIS B 173 -38.71 17.59 -2.29
N HIS B 174 -37.42 17.60 -2.01
CA HIS B 174 -36.86 17.07 -0.78
C HIS B 174 -36.17 18.17 0.02
N ARG B 175 -36.81 19.34 0.09
CA ARG B 175 -36.20 20.49 0.75
C ARG B 175 -36.03 20.27 2.25
N ALA B 176 -36.86 19.41 2.84
CA ALA B 176 -36.75 19.16 4.28
C ALA B 176 -35.49 18.39 4.63
N ALA B 177 -34.97 17.60 3.68
CA ALA B 177 -33.76 16.82 3.95
C ALA B 177 -32.51 17.68 3.95
N PHE B 178 -32.53 18.80 3.20
CA PHE B 178 -31.38 19.70 3.12
C PHE B 178 -31.46 20.85 4.10
N ASN B 179 -32.29 20.72 5.15
CA ASN B 179 -32.45 21.73 6.19
C ASN B 179 -32.92 23.08 5.64
N ASN B 180 -33.58 23.07 4.48
CA ASN B 180 -34.13 24.27 3.86
C ASN B 180 -33.06 25.34 3.62
N ASN B 181 -31.87 24.91 3.24
CA ASN B 181 -30.77 25.83 2.96
C ASN B 181 -30.68 26.08 1.46
N ASP B 182 -30.90 27.34 1.06
CA ASP B 182 -30.89 27.67 -0.36
C ASP B 182 -29.51 27.48 -0.97
N LYS B 183 -28.46 27.87 -0.24
CA LYS B 183 -27.11 27.68 -0.73
C LYS B 183 -26.78 26.19 -0.89
N LEU B 184 -27.23 25.38 0.06
CA LEU B 184 -27.01 23.95 -0.03
C LEU B 184 -27.76 23.35 -1.22
N ILE B 185 -28.99 23.83 -1.46
CA ILE B 185 -29.76 23.34 -2.61
C ILE B 185 -29.08 23.73 -3.91
N ASN B 186 -28.54 24.95 -3.99
CA ASN B 186 -27.83 25.37 -5.20
C ASN B 186 -26.56 24.54 -5.40
N ALA B 187 -25.84 24.25 -4.32
CA ALA B 187 -24.65 23.42 -4.43
C ALA B 187 -25.02 22.00 -4.88
N ILE B 188 -26.13 21.47 -4.38
CA ILE B 188 -26.56 20.14 -4.80
C ILE B 188 -26.97 20.15 -6.26
N LYS B 189 -27.60 21.23 -6.73
CA LYS B 189 -27.94 21.33 -8.14
C LYS B 189 -26.69 21.38 -9.01
N ALA B 190 -25.67 22.14 -8.57
CA ALA B 190 -24.41 22.18 -9.31
C ALA B 190 -23.74 20.81 -9.34
N GLN B 191 -23.76 20.10 -8.21
CA GLN B 191 -23.18 18.76 -8.17
C GLN B 191 -23.95 17.80 -9.06
N TYR B 192 -25.27 17.95 -9.14
CA TYR B 192 -26.05 17.09 -10.03
C TYR B 192 -25.75 17.40 -11.49
N ASP B 193 -25.54 18.68 -11.81
CA ASP B 193 -25.12 19.03 -13.18
C ASP B 193 -23.76 18.41 -13.51
N GLU B 194 -22.83 18.47 -12.56
CA GLU B 194 -21.52 17.86 -12.78
C GLU B 194 -21.64 16.34 -12.93
N PHE B 195 -22.53 15.73 -12.17
CA PHE B 195 -22.74 14.28 -12.28
C PHE B 195 -23.38 13.91 -13.61
N ASP B 196 -24.30 14.74 -14.10
CA ASP B 196 -24.89 14.50 -15.41
C ASP B 196 -23.85 14.64 -16.51
N ASN B 197 -22.98 15.64 -16.40
CA ASN B 197 -21.86 15.75 -17.33
C ASN B 197 -20.87 14.61 -17.19
N PHE B 198 -20.81 13.97 -16.02
CA PHE B 198 -19.91 12.85 -15.80
C PHE B 198 -20.42 11.57 -16.44
N LEU B 199 -21.75 11.37 -16.45
CA LEU B 199 -22.30 10.17 -17.06
C LEU B 199 -22.19 10.22 -18.58
N ASP B 200 -22.35 11.41 -19.17
CA ASP B 200 -22.25 11.55 -20.61
C ASP B 200 -20.80 11.50 -21.11
N ASN B 201 -19.83 11.44 -20.21
CA ASN B 201 -18.43 11.36 -20.60
C ASN B 201 -18.16 9.99 -21.22
N PRO B 202 -17.68 9.92 -22.46
CA PRO B 202 -17.40 8.61 -23.07
C PRO B 202 -16.21 7.87 -22.46
N ARG B 203 -15.51 8.48 -21.51
CA ARG B 203 -14.35 7.87 -20.87
C ARG B 203 -14.72 7.03 -19.66
N LEU B 204 -16.02 6.74 -19.46
CA LEU B 204 -16.43 5.93 -18.32
C LEU B 204 -16.09 4.46 -18.52
N GLY B 205 -15.81 4.04 -19.75
CA GLY B 205 -15.47 2.65 -20.00
C GLY B 205 -14.19 2.19 -19.32
N TYR B 206 -13.33 3.13 -18.92
CA TYR B 206 -12.14 2.77 -18.16
C TYR B 206 -12.52 2.15 -16.82
N PHE B 207 -13.48 2.75 -16.13
CA PHE B 207 -14.05 2.17 -14.92
C PHE B 207 -15.28 1.33 -15.23
N GLY B 208 -15.13 0.38 -16.16
CA GLY B 208 -16.24 -0.45 -16.57
C GLY B 208 -16.69 -1.45 -15.52
N GLN B 209 -15.81 -1.81 -14.59
CA GLN B 209 -16.19 -2.74 -13.54
C GLN B 209 -17.18 -2.13 -12.56
N ALA B 210 -17.21 -0.81 -12.45
CA ALA B 210 -18.09 -0.13 -11.50
C ALA B 210 -19.24 0.63 -12.15
N PHE B 211 -19.06 1.14 -13.37
CA PHE B 211 -20.08 1.93 -14.04
C PHE B 211 -20.71 1.23 -15.23
N PHE B 212 -20.26 0.01 -15.56
CA PHE B 212 -20.80 -0.74 -16.68
C PHE B 212 -21.17 -2.14 -16.22
N SER B 213 -22.11 -2.75 -16.94
CA SER B 213 -22.58 -4.09 -16.66
C SER B 213 -22.47 -4.95 -17.91
N LYS B 214 -22.01 -6.18 -17.75
CA LYS B 214 -21.83 -7.09 -18.87
C LYS B 214 -23.10 -7.91 -19.08
N GLU B 215 -23.66 -7.82 -20.29
CA GLU B 215 -24.84 -8.59 -20.64
C GLU B 215 -24.90 -8.73 -22.15
N GLY B 216 -25.21 -9.94 -22.62
CA GLY B 216 -25.25 -10.21 -24.04
C GLY B 216 -23.88 -10.15 -24.68
N ARG B 217 -23.66 -9.18 -25.57
CA ARG B 217 -22.38 -9.00 -26.23
C ARG B 217 -21.72 -7.65 -25.95
N ASN B 218 -22.50 -6.63 -25.63
CA ASN B 218 -21.97 -5.30 -25.36
C ASN B 218 -22.08 -4.97 -23.87
N TYR B 219 -21.53 -3.80 -23.51
CA TYR B 219 -21.59 -3.29 -22.15
C TYR B 219 -22.59 -2.13 -22.12
N ILE B 220 -23.60 -2.25 -21.25
CA ILE B 220 -24.63 -1.24 -21.12
C ILE B 220 -24.45 -0.53 -19.79
N ILE B 221 -24.51 0.80 -19.80
CA ILE B 221 -24.37 1.57 -18.58
C ILE B 221 -25.53 1.24 -17.65
N ASN B 222 -25.21 0.93 -16.40
CA ASN B 222 -26.24 0.65 -15.41
C ASN B 222 -27.01 1.93 -15.07
N TYR B 223 -28.04 1.77 -14.25
CA TYR B 223 -28.86 2.91 -13.86
C TYR B 223 -28.05 3.93 -13.08
N GLY B 224 -28.54 5.17 -13.07
CA GLY B 224 -27.85 6.23 -12.36
C GLY B 224 -27.77 6.02 -10.87
N ASN B 225 -28.64 5.17 -10.31
CA ASN B 225 -28.61 4.90 -8.88
C ASN B 225 -27.29 4.28 -8.46
N GLU B 226 -26.85 3.23 -9.17
CA GLU B 226 -25.60 2.56 -8.81
C GLU B 226 -24.40 3.48 -9.00
N CYS B 227 -24.39 4.27 -10.08
CA CYS B 227 -23.28 5.18 -10.32
C CYS B 227 -23.20 6.23 -9.23
N TYR B 228 -24.35 6.82 -8.86
CA TYR B 228 -24.36 7.81 -7.78
C TYR B 228 -23.95 7.18 -6.46
N ASP B 229 -24.36 5.94 -6.22
CA ASP B 229 -23.96 5.26 -4.98
C ASP B 229 -22.46 5.05 -4.93
N ILE B 230 -21.87 4.60 -6.03
CA ILE B 230 -20.42 4.38 -6.05
C ILE B 230 -19.67 5.69 -5.87
N LEU B 231 -20.11 6.76 -6.55
CA LEU B 231 -19.44 8.04 -6.41
C LEU B 231 -19.58 8.57 -4.99
N ALA B 232 -20.75 8.41 -4.38
CA ALA B 232 -20.94 8.88 -3.01
C ALA B 232 -20.11 8.07 -2.02
N LEU B 233 -19.95 6.77 -2.28
CA LEU B 233 -19.09 5.94 -1.43
C LEU B 233 -17.64 6.37 -1.55
N LEU B 234 -17.17 6.64 -2.76
CA LEU B 234 -15.80 7.12 -2.94
C LEU B 234 -15.59 8.47 -2.26
N SER B 235 -16.57 9.36 -2.37
CA SER B 235 -16.47 10.66 -1.73
C SER B 235 -16.50 10.54 -0.21
N GLY B 236 -17.30 9.61 0.31
CA GLY B 236 -17.32 9.38 1.75
C GLY B 236 -16.01 8.81 2.26
N LEU B 237 -15.40 7.91 1.47
CA LEU B 237 -14.06 7.43 1.82
C LEU B 237 -13.05 8.56 1.82
N ALA B 238 -13.11 9.43 0.81
CA ALA B 238 -12.20 10.57 0.75
C ALA B 238 -12.41 11.52 1.92
N HIS B 239 -13.64 11.67 2.38
CA HIS B 239 -13.90 12.50 3.55
C HIS B 239 -13.44 11.82 4.84
N TRP B 240 -13.53 10.49 4.89
CA TRP B 240 -13.12 9.76 6.08
C TRP B 240 -11.59 9.74 6.23
N VAL B 241 -10.87 9.66 5.12
CA VAL B 241 -9.40 9.65 5.22
C VAL B 241 -8.83 11.02 5.56
N VAL B 242 -9.62 12.07 5.45
CA VAL B 242 -9.17 13.42 5.79
C VAL B 242 -9.83 13.93 7.07
N ALA B 243 -10.43 13.03 7.85
CA ALA B 243 -11.10 13.42 9.08
C ALA B 243 -10.11 13.55 10.23
N ASN B 244 -9.07 14.36 10.05
CA ASN B 244 -8.07 14.56 11.09
C ASN B 244 -7.93 16.05 11.40
N ASN B 245 -8.04 16.90 10.38
CA ASN B 245 -7.98 18.34 10.61
C ASN B 245 -9.27 18.83 11.28
N GLU B 246 -10.41 18.26 10.90
CA GLU B 246 -11.69 18.58 11.52
C GLU B 246 -12.15 17.40 12.35
N GLU B 247 -12.63 17.69 13.56
CA GLU B 247 -13.10 16.62 14.45
C GLU B 247 -14.27 15.87 13.85
N GLU B 248 -15.39 16.55 13.67
CA GLU B 248 -16.58 15.95 13.05
C GLU B 248 -17.58 17.01 12.63
N SER B 249 -17.96 17.02 11.35
CA SER B 249 -19.00 17.92 10.86
C SER B 249 -20.20 17.14 10.35
N ARG B 250 -20.02 16.27 9.36
CA ARG B 250 -21.07 15.38 8.88
C ARG B 250 -20.66 13.93 8.85
N ILE B 251 -19.39 13.65 8.53
CA ILE B 251 -18.86 12.30 8.50
C ILE B 251 -17.85 12.17 9.64
N SER B 252 -18.10 11.23 10.55
CA SER B 252 -17.26 11.05 11.71
C SER B 252 -16.05 10.18 11.38
N ARG B 253 -15.19 9.97 12.38
CA ARG B 253 -14.01 9.13 12.17
C ARG B 253 -14.36 7.66 12.09
N THR B 254 -15.48 7.25 12.72
CA THR B 254 -15.91 5.87 12.71
C THR B 254 -16.92 5.57 11.60
N TRP B 255 -16.85 6.30 10.49
CA TRP B 255 -17.80 6.08 9.40
C TRP B 255 -17.56 4.74 8.72
N LEU B 256 -16.29 4.44 8.42
CA LEU B 256 -15.97 3.17 7.77
C LEU B 256 -16.30 1.97 8.65
N TYR B 257 -16.40 2.17 9.97
CA TYR B 257 -16.72 1.10 10.90
C TYR B 257 -18.20 1.03 11.23
N ASN B 258 -18.94 2.12 11.08
CA ASN B 258 -20.37 2.15 11.34
C ASN B 258 -21.19 2.28 10.05
N LEU B 259 -20.57 1.99 8.91
CA LEU B 259 -21.27 1.91 7.62
C LEU B 259 -22.64 1.24 7.71
N ASP B 260 -22.75 0.17 8.51
CA ASP B 260 -24.04 -0.50 8.65
C ASP B 260 -25.09 0.43 9.25
N LYS B 261 -24.68 1.42 10.04
CA LYS B 261 -25.60 2.40 10.61
C LYS B 261 -25.58 3.74 9.87
N ASN B 262 -24.52 4.02 9.11
CA ASN B 262 -24.39 5.28 8.39
C ASN B 262 -24.87 5.20 6.95
N LEU B 263 -24.53 4.13 6.23
CA LEU B 263 -24.96 3.99 4.85
C LEU B 263 -26.47 3.76 4.78
N ASP B 264 -27.00 3.92 3.57
CA ASP B 264 -28.43 3.75 3.33
C ASP B 264 -28.71 2.45 2.58
N ASN B 265 -29.99 2.08 2.56
CA ASN B 265 -30.40 0.86 1.87
C ASN B 265 -30.04 0.88 0.40
N GLU B 266 -30.01 2.08 -0.21
CA GLU B 266 -29.65 2.17 -1.62
C GLU B 266 -28.20 1.77 -1.85
N TYR B 267 -27.28 2.31 -1.04
CA TYR B 267 -25.88 1.94 -1.16
C TYR B 267 -25.67 0.46 -0.81
N ILE B 268 -26.38 -0.03 0.21
CA ILE B 268 -26.28 -1.44 0.56
C ILE B 268 -26.72 -2.31 -0.60
N SER B 269 -27.81 -1.92 -1.27
CA SER B 269 -28.31 -2.69 -2.40
C SER B 269 -27.37 -2.63 -3.59
N THR B 270 -26.72 -1.48 -3.80
CA THR B 270 -25.74 -1.37 -4.88
C THR B 270 -24.54 -2.29 -4.62
N LEU B 271 -24.03 -2.29 -3.39
CA LEU B 271 -22.91 -3.17 -3.07
C LEU B 271 -23.32 -4.64 -3.18
N ASN B 272 -24.52 -4.97 -2.71
CA ASN B 272 -25.01 -6.34 -2.83
C ASN B 272 -25.17 -6.75 -4.29
N TYR B 273 -25.62 -5.82 -5.14
CA TYR B 273 -25.75 -6.11 -6.56
C TYR B 273 -24.40 -6.39 -7.20
N LEU B 274 -23.39 -5.56 -6.88
CA LEU B 274 -22.05 -5.79 -7.43
C LEU B 274 -21.51 -7.15 -6.98
N TYR B 275 -21.65 -7.45 -5.68
CA TYR B 275 -21.13 -8.71 -5.17
C TYR B 275 -21.87 -9.90 -5.76
N ASP B 276 -23.19 -9.81 -5.89
CA ASP B 276 -23.96 -10.89 -6.49
C ASP B 276 -23.60 -11.08 -7.95
N ARG B 277 -23.37 -9.98 -8.68
CA ARG B 277 -22.97 -10.08 -10.08
C ARG B 277 -21.64 -10.81 -10.21
N ILE B 278 -20.64 -10.40 -9.42
CA ILE B 278 -19.33 -11.02 -9.57
C ILE B 278 -19.38 -12.48 -9.11
N THR B 279 -20.17 -12.79 -8.07
CA THR B 279 -20.24 -14.18 -7.61
C THR B 279 -20.99 -15.06 -8.59
N ASN B 280 -22.03 -14.52 -9.25
CA ASN B 280 -22.73 -15.29 -10.26
C ASN B 280 -21.85 -15.52 -11.49
N GLU B 281 -21.04 -14.52 -11.86
CA GLU B 281 -20.07 -14.73 -12.93
C GLU B 281 -19.08 -15.81 -12.56
N LEU B 282 -18.58 -15.79 -11.32
CA LEU B 282 -17.65 -16.82 -10.87
C LEU B 282 -18.29 -18.20 -10.88
N THR B 283 -19.56 -18.28 -10.45
CA THR B 283 -20.24 -19.57 -10.44
C THR B 283 -20.45 -20.10 -11.85
N ASN B 284 -20.87 -19.24 -12.77
CA ASN B 284 -21.03 -19.68 -14.16
C ASN B 284 -19.69 -20.11 -14.76
N SER B 285 -18.62 -19.39 -14.44
CA SER B 285 -17.30 -19.78 -14.93
C SER B 285 -16.89 -21.14 -14.37
N PHE B 286 -17.06 -21.33 -13.06
CA PHE B 286 -16.71 -22.60 -12.43
C PHE B 286 -17.55 -23.74 -12.97
N SER B 287 -18.78 -23.46 -13.40
CA SER B 287 -19.63 -24.51 -13.95
C SER B 287 -19.28 -24.83 -15.40
N LYS B 288 -18.86 -23.82 -16.18
CA LYS B 288 -18.64 -24.03 -17.61
C LYS B 288 -17.19 -24.37 -17.93
N ASN B 289 -16.25 -23.50 -17.56
CA ASN B 289 -14.85 -23.64 -17.95
C ASN B 289 -14.08 -24.64 -17.11
N SER B 290 -14.76 -25.51 -16.35
CA SER B 290 -14.05 -26.50 -15.54
C SER B 290 -13.34 -27.53 -16.41
N ALA B 291 -13.89 -27.84 -17.58
CA ALA B 291 -13.33 -28.89 -18.44
C ALA B 291 -11.91 -28.57 -18.88
N ALA B 292 -11.45 -27.32 -18.75
CA ALA B 292 -10.09 -26.98 -19.12
C ALA B 292 -9.06 -27.63 -18.19
N ASN B 293 -9.46 -28.01 -16.99
CA ASN B 293 -8.54 -28.62 -16.03
C ASN B 293 -9.04 -29.95 -15.48
N VAL B 294 -10.36 -30.08 -15.27
CA VAL B 294 -10.87 -31.32 -14.68
C VAL B 294 -10.68 -32.50 -15.62
N ASN B 295 -10.63 -32.24 -16.93
CA ASN B 295 -10.41 -33.33 -17.89
C ASN B 295 -9.06 -33.99 -17.67
N TYR B 296 -8.04 -33.21 -17.31
CA TYR B 296 -6.73 -33.77 -16.99
C TYR B 296 -6.63 -34.23 -15.54
N ILE B 297 -7.34 -33.57 -14.62
CA ILE B 297 -7.29 -33.97 -13.23
C ILE B 297 -7.96 -35.33 -13.02
N ALA B 298 -8.97 -35.65 -13.84
CA ALA B 298 -9.62 -36.95 -13.72
C ALA B 298 -8.66 -38.09 -14.03
N GLU B 299 -7.62 -37.82 -14.82
CA GLU B 299 -6.61 -38.83 -15.11
C GLU B 299 -5.42 -38.74 -14.16
N THR B 300 -5.05 -37.52 -13.75
CA THR B 300 -3.93 -37.31 -12.84
C THR B 300 -4.50 -36.96 -11.46
N LEU B 301 -4.47 -37.94 -10.55
CA LEU B 301 -4.99 -37.80 -9.20
C LEU B 301 -6.48 -37.42 -9.23
N GLY B 302 -7.28 -38.33 -9.78
CA GLY B 302 -8.71 -38.14 -9.86
C GLY B 302 -9.48 -39.44 -9.98
N ILE B 303 -10.54 -39.58 -9.21
CA ILE B 303 -11.38 -40.78 -9.21
C ILE B 303 -12.74 -40.52 -9.82
N ASN B 304 -13.48 -39.53 -9.30
CA ASN B 304 -14.80 -39.19 -9.78
C ASN B 304 -14.86 -37.69 -10.01
N PRO B 305 -15.51 -37.25 -11.10
CA PRO B 305 -15.57 -35.80 -11.37
C PRO B 305 -16.19 -34.98 -10.26
N ALA B 306 -17.02 -35.57 -9.40
CA ALA B 306 -17.61 -34.84 -8.30
C ALA B 306 -16.74 -34.84 -7.04
N GLU B 307 -15.59 -35.52 -7.07
CA GLU B 307 -14.73 -35.60 -5.90
C GLU B 307 -13.65 -34.52 -5.91
N PHE B 308 -12.83 -34.48 -6.96
CA PHE B 308 -11.76 -33.49 -7.03
C PHE B 308 -12.27 -32.09 -7.36
N ALA B 309 -13.49 -31.98 -7.87
CA ALA B 309 -14.07 -30.67 -8.14
C ALA B 309 -14.43 -29.91 -6.87
N GLU B 310 -14.47 -30.59 -5.73
CA GLU B 310 -14.77 -29.89 -4.47
C GLU B 310 -13.63 -28.98 -4.05
N GLN B 311 -12.39 -29.31 -4.43
CA GLN B 311 -11.26 -28.45 -4.09
C GLN B 311 -11.31 -27.13 -4.84
N TYR B 312 -11.79 -27.15 -6.08
CA TYR B 312 -12.01 -25.91 -6.82
C TYR B 312 -13.13 -25.10 -6.16
N PHE B 313 -13.21 -23.83 -6.54
CA PHE B 313 -14.07 -22.81 -5.94
C PHE B 313 -13.67 -22.50 -4.51
N ARG B 314 -12.64 -23.16 -3.97
CA ARG B 314 -12.11 -22.88 -2.65
C ARG B 314 -10.60 -22.75 -2.73
N PHE B 315 -9.99 -23.39 -3.73
CA PHE B 315 -8.54 -23.31 -3.93
C PHE B 315 -8.17 -22.23 -4.93
N SER B 316 -8.77 -22.24 -6.12
CA SER B 316 -8.42 -21.29 -7.17
C SER B 316 -9.25 -20.01 -7.09
N ILE B 317 -10.53 -20.12 -6.72
CA ILE B 317 -11.41 -18.96 -6.65
C ILE B 317 -11.49 -18.37 -5.25
N MET B 318 -10.92 -19.03 -4.25
CA MET B 318 -10.96 -18.54 -2.88
C MET B 318 -9.61 -18.49 -2.18
N LYS B 319 -8.64 -19.31 -2.60
CA LYS B 319 -7.29 -19.32 -2.02
C LYS B 319 -7.34 -19.61 -0.52
N GLU B 320 -8.28 -20.47 -0.11
CA GLU B 320 -8.44 -20.85 1.27
C GLU B 320 -8.38 -22.36 1.41
N GLN B 321 -8.26 -22.84 2.65
CA GLN B 321 -8.27 -24.25 2.95
C GLN B 321 -9.50 -24.65 3.76
N LYS B 322 -9.71 -24.02 4.93
CA LYS B 322 -10.88 -24.26 5.78
C LYS B 322 -11.11 -25.75 6.03
N ASN B 323 -10.01 -26.48 6.27
CA ASN B 323 -10.08 -27.92 6.46
C ASN B 323 -10.34 -28.23 7.93
N LEU B 324 -10.24 -29.51 8.30
CA LEU B 324 -10.47 -29.91 9.69
C LEU B 324 -9.37 -29.42 10.62
N GLY B 325 -8.21 -29.06 10.09
CA GLY B 325 -7.13 -28.52 10.89
C GLY B 325 -7.34 -27.06 11.24
N PHE B 326 -6.25 -26.31 11.33
CA PHE B 326 -6.32 -24.89 11.64
C PHE B 326 -5.43 -24.03 10.75
N ASN B 327 -4.79 -24.60 9.74
CA ASN B 327 -3.94 -23.82 8.86
C ASN B 327 -4.80 -22.93 7.96
N ILE B 328 -4.27 -21.76 7.62
CA ILE B 328 -4.97 -20.76 6.83
C ILE B 328 -4.09 -20.36 5.66
N THR B 329 -4.56 -19.36 4.89
CA THR B 329 -3.84 -18.92 3.71
C THR B 329 -2.42 -18.47 4.04
N LYS B 330 -2.25 -17.79 5.17
CA LYS B 330 -0.92 -17.33 5.57
C LYS B 330 -0.05 -18.46 6.14
N LEU B 331 -0.61 -19.65 6.30
CA LEU B 331 0.12 -20.80 6.85
C LEU B 331 0.26 -21.89 5.79
N ARG B 332 0.55 -21.49 4.55
CA ARG B 332 0.72 -22.40 3.44
C ARG B 332 2.16 -22.38 2.95
N GLU B 333 2.42 -23.15 1.90
CA GLU B 333 3.74 -23.23 1.29
C GLU B 333 3.63 -22.75 -0.15
N VAL B 334 4.47 -21.77 -0.52
CA VAL B 334 4.46 -21.27 -1.89
C VAL B 334 4.97 -22.33 -2.85
N MET B 335 5.94 -23.14 -2.40
CA MET B 335 6.49 -24.28 -3.12
C MET B 335 7.29 -23.85 -4.35
N LEU B 336 7.26 -22.56 -4.66
CA LEU B 336 7.99 -21.99 -5.81
C LEU B 336 7.66 -22.73 -7.10
N ASP B 337 6.39 -23.15 -7.22
CA ASP B 337 5.91 -23.93 -8.37
C ASP B 337 6.73 -25.21 -8.55
N ARG B 338 7.23 -25.76 -7.46
CA ARG B 338 7.98 -27.01 -7.43
C ARG B 338 9.34 -26.90 -8.10
N LYS B 339 9.63 -25.72 -8.67
CA LYS B 339 10.91 -25.45 -9.33
C LYS B 339 11.22 -26.49 -10.40
N ASP B 340 10.26 -26.69 -11.32
CA ASP B 340 10.46 -27.61 -12.43
C ASP B 340 10.55 -26.85 -13.75
N VAL B 358 0.57 -27.36 -17.68
CA VAL B 358 1.79 -27.68 -16.95
C VAL B 358 1.76 -27.04 -15.56
N TYR B 359 1.75 -25.70 -15.54
CA TYR B 359 1.79 -24.99 -14.26
C TYR B 359 0.46 -25.12 -13.51
N THR B 360 -0.66 -25.11 -14.25
CA THR B 360 -1.97 -25.17 -13.60
C THR B 360 -2.23 -26.55 -13.01
N MET B 361 -1.91 -27.61 -13.75
CA MET B 361 -2.19 -28.96 -13.26
C MET B 361 -1.22 -29.37 -12.17
N MET B 362 0.07 -29.07 -12.34
CA MET B 362 1.06 -29.48 -11.34
C MET B 362 0.83 -28.77 -10.01
N ASP B 363 0.35 -27.52 -10.04
CA ASP B 363 0.09 -26.80 -8.80
C ASP B 363 -1.06 -27.44 -8.02
N PHE B 364 -2.06 -27.97 -8.73
CA PHE B 364 -3.20 -28.57 -8.05
C PHE B 364 -2.89 -29.98 -7.55
N VAL B 365 -2.11 -30.75 -8.32
CA VAL B 365 -1.78 -32.11 -7.92
C VAL B 365 -0.93 -32.10 -6.66
N ILE B 366 0.06 -31.19 -6.60
CA ILE B 366 0.88 -31.07 -5.41
C ILE B 366 0.06 -30.57 -4.24
N TYR B 367 -0.85 -29.61 -4.50
CA TYR B 367 -1.73 -29.13 -3.44
C TYR B 367 -2.64 -30.24 -2.91
N ARG B 368 -2.99 -31.19 -3.76
CA ARG B 368 -3.83 -32.32 -3.36
C ARG B 368 -3.05 -33.36 -2.55
N TYR B 369 -1.71 -33.32 -2.59
CA TYR B 369 -0.93 -34.31 -1.87
C TYR B 369 -0.95 -34.07 -0.37
N TYR B 370 -0.49 -32.90 0.07
CA TYR B 370 -0.41 -32.60 1.49
C TYR B 370 -1.75 -32.16 2.08
N ILE B 371 -2.80 -32.07 1.28
CA ILE B 371 -4.11 -31.72 1.82
C ILE B 371 -4.80 -32.94 2.43
N GLU B 372 -4.43 -34.15 2.02
CA GLU B 372 -5.02 -35.35 2.58
C GLU B 372 -4.63 -35.57 4.03
N GLU B 373 -3.50 -35.01 4.46
CA GLU B 373 -3.09 -35.11 5.86
C GLU B 373 -3.94 -34.27 6.80
N ASP B 374 -4.88 -33.48 6.26
CA ASP B 374 -5.79 -32.70 7.07
C ASP B 374 -7.22 -33.22 7.02
N ALA B 375 -7.49 -34.25 6.23
CA ALA B 375 -8.82 -34.83 6.12
C ALA B 375 -8.85 -36.33 6.35
N LYS B 376 -7.81 -37.05 5.90
CA LYS B 376 -7.77 -38.50 6.04
C LYS B 376 -7.19 -38.93 7.39
N VAL B 377 -6.19 -38.23 7.89
CA VAL B 377 -5.56 -38.56 9.16
C VAL B 377 -5.90 -37.47 10.16
N ALA B 378 -7.04 -36.82 9.95
CA ALA B 378 -7.49 -35.72 10.80
C ALA B 378 -8.05 -36.27 12.11
N ALA B 379 -8.75 -35.42 12.86
CA ALA B 379 -9.28 -35.78 14.16
C ALA B 379 -10.28 -36.94 14.12
N ALA B 380 -10.69 -37.38 12.92
CA ALA B 380 -11.56 -38.54 12.82
C ALA B 380 -10.89 -39.79 13.35
N ASN B 381 -9.57 -39.88 13.22
CA ASN B 381 -8.81 -41.00 13.75
C ASN B 381 -7.56 -40.59 14.51
N LYS B 382 -7.12 -39.33 14.40
CA LYS B 382 -5.94 -38.87 15.12
C LYS B 382 -6.26 -38.40 16.53
N SER B 383 -7.52 -38.03 16.81
CA SER B 383 -7.89 -37.51 18.11
C SER B 383 -7.82 -38.55 19.21
N LEU B 384 -7.93 -39.84 18.86
CA LEU B 384 -7.86 -40.88 19.89
C LEU B 384 -6.43 -41.07 20.41
N PRO B 385 -5.41 -41.27 19.57
CA PRO B 385 -4.03 -41.30 20.11
C PRO B 385 -3.45 -39.91 20.25
N ASP B 386 -2.17 -39.82 20.63
CA ASP B 386 -1.52 -38.52 20.69
C ASP B 386 -1.40 -37.90 19.30
N ASN B 387 -0.94 -38.67 18.33
CA ASN B 387 -0.85 -38.22 16.94
C ASN B 387 -0.69 -39.44 16.05
N GLU B 388 -1.61 -39.62 15.10
CA GLU B 388 -1.51 -40.73 14.17
C GLU B 388 -0.43 -40.46 13.13
N LYS B 389 -0.58 -39.39 12.36
CA LYS B 389 0.46 -38.96 11.44
C LYS B 389 1.63 -38.37 12.23
N SER B 390 2.71 -38.04 11.51
CA SER B 390 3.90 -37.51 12.16
C SER B 390 3.67 -36.08 12.64
N LEU B 391 2.79 -35.92 13.63
CA LEU B 391 2.52 -34.64 14.28
C LEU B 391 2.20 -33.55 13.26
N SER B 392 1.22 -33.83 12.39
CA SER B 392 0.74 -32.87 11.39
C SER B 392 1.90 -32.40 10.49
N GLU B 393 2.38 -33.36 9.69
CA GLU B 393 3.56 -33.18 8.86
C GLU B 393 3.58 -31.84 8.12
N LYS B 394 2.41 -31.33 7.74
CA LYS B 394 2.34 -30.00 7.13
C LYS B 394 2.81 -28.92 8.11
N ASP B 395 2.25 -28.93 9.32
CA ASP B 395 2.67 -27.96 10.33
C ASP B 395 4.13 -28.19 10.73
N ILE B 396 4.60 -29.43 10.70
CA ILE B 396 6.00 -29.71 11.02
C ILE B 396 6.91 -29.13 9.95
N PHE B 397 6.53 -29.23 8.68
CA PHE B 397 7.29 -28.60 7.62
C PHE B 397 7.26 -27.08 7.75
N VAL B 398 6.11 -26.53 8.17
CA VAL B 398 6.03 -25.09 8.39
C VAL B 398 6.98 -24.67 9.50
N ILE B 399 7.05 -25.45 10.57
CA ILE B 399 7.94 -25.13 11.69
C ILE B 399 9.40 -25.25 11.27
N ASN B 400 9.73 -26.29 10.49
CA ASN B 400 11.09 -26.41 9.96
C ASN B 400 11.44 -25.24 9.06
N LEU B 401 10.47 -24.74 8.29
CA LEU B 401 10.65 -23.55 7.48
C LEU B 401 10.55 -22.26 8.30
N ARG B 402 10.04 -22.34 9.53
CA ARG B 402 9.92 -21.18 10.39
C ARG B 402 11.27 -20.65 10.86
N GLY B 403 12.36 -21.36 10.59
CA GLY B 403 13.68 -20.95 11.01
C GLY B 403 14.22 -19.79 10.20
N SER B 404 13.65 -18.61 10.38
CA SER B 404 14.02 -17.41 9.64
C SER B 404 15.48 -17.01 9.82
N PHE B 405 16.19 -17.59 10.79
CA PHE B 405 17.62 -17.35 10.92
C PHE B 405 18.35 -17.89 9.69
N ASN B 406 19.11 -17.03 9.03
CA ASN B 406 19.82 -17.36 7.80
C ASN B 406 18.84 -17.85 6.73
N ASP B 407 17.98 -16.91 6.31
CA ASP B 407 16.93 -17.19 5.33
C ASP B 407 17.48 -17.69 4.00
N ASP B 408 18.78 -17.60 3.77
CA ASP B 408 19.38 -18.09 2.54
C ASP B 408 19.38 -19.62 2.49
N GLN B 409 18.97 -20.24 3.59
CA GLN B 409 18.87 -21.70 3.67
C GLN B 409 17.43 -22.20 3.57
N LYS B 410 16.45 -21.32 3.53
CA LYS B 410 15.06 -21.75 3.41
C LYS B 410 14.80 -22.40 2.06
N ASP B 411 15.46 -21.93 1.01
CA ASP B 411 15.30 -22.53 -0.31
C ASP B 411 15.84 -23.96 -0.35
N ALA B 412 16.79 -24.27 0.53
CA ALA B 412 17.28 -25.64 0.61
C ALA B 412 16.23 -26.58 1.18
N LEU B 413 15.34 -26.06 2.03
CA LEU B 413 14.24 -26.89 2.55
C LEU B 413 13.24 -27.23 1.46
N TYR B 414 13.00 -26.31 0.52
CA TYR B 414 12.15 -26.62 -0.62
C TYR B 414 12.78 -27.70 -1.49
N TYR B 415 14.11 -27.68 -1.63
CA TYR B 415 14.79 -28.72 -2.39
C TYR B 415 14.69 -30.06 -1.67
N ASP B 416 14.79 -30.07 -0.35
CA ASP B 416 14.62 -31.29 0.41
C ASP B 416 13.16 -31.76 0.40
N GLU B 417 12.22 -30.81 0.41
CA GLU B 417 10.81 -31.18 0.33
C GLU B 417 10.45 -31.71 -1.06
N ALA B 418 11.07 -31.17 -2.11
CA ALA B 418 10.81 -31.68 -3.45
C ALA B 418 11.31 -33.11 -3.60
N ASN B 419 12.43 -33.44 -2.97
CA ASN B 419 12.94 -34.81 -2.98
C ASN B 419 12.15 -35.75 -2.09
N ARG B 420 11.26 -35.22 -1.25
CA ARG B 420 10.42 -36.05 -0.39
C ARG B 420 9.06 -36.31 -1.00
N ILE B 421 8.55 -35.38 -1.82
CA ILE B 421 7.24 -35.52 -2.45
C ILE B 421 7.38 -36.28 -3.75
N TRP B 422 8.57 -36.84 -4.01
CA TRP B 422 8.79 -37.60 -5.23
C TRP B 422 7.98 -38.89 -5.28
N ARG B 423 7.43 -39.34 -4.14
CA ARG B 423 6.62 -40.55 -4.10
C ARG B 423 5.33 -40.42 -4.88
N LYS B 424 4.91 -39.20 -5.23
CA LYS B 424 3.69 -39.02 -6.01
C LYS B 424 3.80 -39.68 -7.37
N LEU B 425 4.77 -39.26 -8.17
CA LEU B 425 5.01 -39.78 -9.53
C LEU B 425 3.79 -39.62 -10.44
N GLU B 426 2.87 -38.72 -10.09
CA GLU B 426 1.69 -38.47 -10.90
C GLU B 426 1.90 -37.40 -11.96
N ASN B 427 2.91 -36.55 -11.79
CA ASN B 427 3.19 -35.47 -12.74
C ASN B 427 4.02 -36.00 -13.91
N ILE B 428 3.47 -37.00 -14.60
CA ILE B 428 4.13 -37.56 -15.77
C ILE B 428 4.08 -36.59 -16.93
N MET B 429 2.86 -36.23 -17.36
CA MET B 429 2.67 -35.25 -18.42
C MET B 429 1.91 -34.02 -17.94
N HIS B 430 0.78 -34.23 -17.26
CA HIS B 430 -0.07 -33.16 -16.71
C HIS B 430 -0.21 -31.95 -17.63
N LEU B 451 -20.25 -27.55 -7.75
CA LEU B 451 -21.59 -27.36 -8.28
C LEU B 451 -22.54 -26.61 -7.32
N PRO B 452 -22.57 -26.98 -6.03
CA PRO B 452 -23.42 -26.23 -5.09
C PRO B 452 -22.87 -24.82 -4.86
N ARG B 453 -23.66 -24.04 -4.13
CA ARG B 453 -23.28 -22.67 -3.80
C ARG B 453 -22.12 -22.69 -2.82
N ILE B 454 -20.95 -22.20 -3.26
CA ILE B 454 -19.75 -22.18 -2.43
C ILE B 454 -19.47 -20.80 -1.87
N LEU B 455 -19.61 -19.76 -2.69
CA LEU B 455 -19.30 -18.44 -2.16
C LEU B 455 -20.56 -17.76 -1.62
N PRO B 456 -20.42 -16.96 -0.57
CA PRO B 456 -21.59 -16.27 -0.01
C PRO B 456 -22.14 -15.23 -0.97
N ALA B 457 -23.34 -14.77 -0.67
CA ALA B 457 -24.01 -13.75 -1.47
C ALA B 457 -23.69 -12.36 -0.90
N GLY B 458 -24.35 -11.33 -1.42
CA GLY B 458 -24.11 -9.99 -0.94
C GLY B 458 -24.73 -9.66 0.40
N ARG B 459 -25.56 -10.55 0.94
CA ARG B 459 -26.22 -10.28 2.21
C ARG B 459 -25.33 -10.64 3.40
N ASP B 460 -24.68 -11.81 3.36
CA ASP B 460 -23.84 -12.27 4.45
C ASP B 460 -22.39 -11.84 4.30
N VAL B 461 -22.12 -10.81 3.50
CA VAL B 461 -20.79 -10.25 3.35
C VAL B 461 -20.80 -8.83 3.91
N SER B 462 -19.76 -8.49 4.67
CA SER B 462 -19.72 -7.22 5.38
C SER B 462 -19.71 -6.05 4.41
N ALA B 463 -20.37 -4.95 4.84
CA ALA B 463 -20.33 -3.71 4.07
C ALA B 463 -18.91 -3.21 3.91
N PHE B 464 -18.05 -3.45 4.90
CA PHE B 464 -16.65 -3.07 4.78
C PHE B 464 -15.98 -3.79 3.61
N SER B 465 -16.20 -5.11 3.51
CA SER B 465 -15.61 -5.87 2.42
C SER B 465 -16.19 -5.47 1.07
N LYS B 466 -17.50 -5.21 1.02
CA LYS B 466 -18.11 -4.78 -0.23
C LYS B 466 -17.58 -3.42 -0.68
N LEU B 467 -17.37 -2.51 0.28
CA LEU B 467 -16.80 -1.21 -0.05
C LEU B 467 -15.33 -1.33 -0.46
N MET B 468 -14.59 -2.26 0.15
CA MET B 468 -13.22 -2.49 -0.28
C MET B 468 -13.17 -3.03 -1.70
N TYR B 469 -14.11 -3.90 -2.06
CA TYR B 469 -14.19 -4.39 -3.43
C TYR B 469 -14.54 -3.26 -4.40
N ALA B 470 -15.52 -2.43 -4.04
CA ALA B 470 -15.86 -1.28 -4.87
C ALA B 470 -14.69 -0.32 -5.02
N LEU B 471 -13.85 -0.21 -3.99
CA LEU B 471 -12.66 0.63 -4.08
C LEU B 471 -11.62 0.00 -5.01
N THR B 472 -11.41 -1.31 -4.89
CA THR B 472 -10.50 -2.00 -5.78
C THR B 472 -10.97 -1.95 -7.23
N MET B 473 -12.27 -1.71 -7.46
CA MET B 473 -12.74 -1.48 -8.82
C MET B 473 -12.10 -0.27 -9.48
N PHE B 474 -11.39 0.58 -8.73
CA PHE B 474 -10.75 1.77 -9.26
C PHE B 474 -9.22 1.69 -9.20
N LEU B 475 -8.66 0.50 -9.00
CA LEU B 475 -7.23 0.34 -8.83
C LEU B 475 -6.69 -0.69 -9.81
N ASP B 476 -5.37 -0.69 -9.98
CA ASP B 476 -4.69 -1.64 -10.84
C ASP B 476 -4.44 -2.95 -10.10
N GLY B 477 -3.92 -3.94 -10.83
CA GLY B 477 -3.71 -5.25 -10.22
C GLY B 477 -2.70 -5.22 -9.08
N LYS B 478 -1.57 -4.55 -9.31
CA LYS B 478 -0.54 -4.47 -8.28
C LYS B 478 -1.06 -3.75 -7.04
N GLU B 479 -1.76 -2.63 -7.24
CA GLU B 479 -2.31 -1.88 -6.13
C GLU B 479 -3.35 -2.70 -5.35
N ILE B 480 -4.22 -3.40 -6.07
CA ILE B 480 -5.21 -4.26 -5.42
C ILE B 480 -4.52 -5.33 -4.59
N ASN B 481 -3.53 -6.01 -5.18
CA ASN B 481 -2.83 -7.07 -4.47
C ASN B 481 -2.17 -6.54 -3.21
N ASP B 482 -1.43 -5.42 -3.34
CA ASP B 482 -0.72 -4.88 -2.18
C ASP B 482 -1.68 -4.45 -1.08
N LEU B 483 -2.72 -3.69 -1.44
CA LEU B 483 -3.67 -3.21 -0.45
C LEU B 483 -4.36 -4.36 0.26
N LEU B 484 -4.87 -5.33 -0.50
CA LEU B 484 -5.61 -6.43 0.10
C LEU B 484 -4.69 -7.31 0.94
N THR B 485 -3.44 -7.51 0.51
CA THR B 485 -2.49 -8.28 1.31
C THR B 485 -2.20 -7.59 2.63
N THR B 486 -1.95 -6.28 2.60
CA THR B 486 -1.71 -5.53 3.83
C THR B 486 -2.92 -5.62 4.77
N LEU B 487 -4.12 -5.45 4.22
CA LEU B 487 -5.32 -5.52 5.03
C LEU B 487 -5.51 -6.91 5.64
N ILE B 488 -5.27 -7.96 4.84
CA ILE B 488 -5.41 -9.32 5.34
C ILE B 488 -4.43 -9.59 6.48
N ASN B 489 -3.17 -9.20 6.28
CA ASN B 489 -2.17 -9.41 7.32
C ASN B 489 -2.52 -8.66 8.60
N LYS B 490 -2.94 -7.40 8.47
CA LYS B 490 -3.25 -6.62 9.66
C LYS B 490 -4.46 -7.17 10.39
N PHE B 491 -5.52 -7.55 9.66
CA PHE B 491 -6.70 -8.11 10.31
C PHE B 491 -6.41 -9.45 10.94
N ASP B 492 -5.53 -10.26 10.32
CA ASP B 492 -5.15 -11.53 10.92
C ASP B 492 -4.38 -11.31 12.22
N ASN B 493 -3.45 -10.35 12.23
CA ASN B 493 -2.75 -10.00 13.47
C ASN B 493 -3.73 -9.52 14.53
N ILE B 494 -4.71 -8.71 14.13
CA ILE B 494 -5.67 -8.17 15.08
C ILE B 494 -6.51 -9.29 15.69
N GLN B 495 -6.99 -10.22 14.87
CA GLN B 495 -7.81 -11.30 15.39
C GLN B 495 -6.99 -12.27 16.24
N SER B 496 -5.72 -12.49 15.88
CA SER B 496 -4.85 -13.32 16.73
C SER B 496 -4.65 -12.67 18.08
N PHE B 497 -4.38 -11.36 18.11
CA PHE B 497 -4.23 -10.66 19.38
C PHE B 497 -5.52 -10.69 20.19
N LEU B 498 -6.67 -10.57 19.51
CA LEU B 498 -7.94 -10.60 20.23
C LEU B 498 -8.24 -11.98 20.81
N LYS B 499 -7.76 -13.04 20.15
CA LYS B 499 -7.90 -14.37 20.73
C LYS B 499 -6.91 -14.60 21.87
N VAL B 500 -5.73 -13.97 21.80
CA VAL B 500 -4.73 -14.16 22.84
C VAL B 500 -5.08 -13.37 24.10
N MET B 501 -5.71 -12.22 23.95
CA MET B 501 -6.01 -11.33 25.08
C MET B 501 -6.74 -12.01 26.23
N PRO B 502 -7.83 -12.75 26.04
CA PRO B 502 -8.53 -13.34 27.19
C PRO B 502 -7.71 -14.37 27.95
N LEU B 503 -6.73 -15.00 27.30
CA LEU B 503 -5.94 -16.03 27.98
C LEU B 503 -4.81 -15.43 28.80
N ILE B 504 -4.30 -14.26 28.42
CA ILE B 504 -3.20 -13.63 29.12
C ILE B 504 -3.75 -12.74 30.23
N GLY B 505 -5.06 -12.78 30.44
CA GLY B 505 -5.67 -12.02 31.51
C GLY B 505 -6.03 -10.59 31.17
N VAL B 506 -6.19 -10.26 29.89
CA VAL B 506 -6.57 -8.92 29.46
C VAL B 506 -8.04 -8.94 29.08
N ASN B 507 -8.86 -8.18 29.81
CA ASN B 507 -10.30 -8.10 29.59
C ASN B 507 -10.71 -6.83 28.86
N ALA B 508 -9.80 -6.24 28.08
CA ALA B 508 -10.13 -5.04 27.35
C ALA B 508 -11.08 -5.35 26.19
N LYS B 509 -12.01 -4.43 25.94
CA LYS B 509 -13.00 -4.60 24.89
C LYS B 509 -13.14 -3.28 24.13
N PHE B 510 -13.46 -3.41 22.84
CA PHE B 510 -13.65 -2.23 22.01
C PHE B 510 -14.92 -1.48 22.41
N VAL B 511 -14.89 -0.16 22.21
CA VAL B 511 -16.05 0.69 22.46
C VAL B 511 -17.09 0.42 21.38
N GLU B 512 -18.30 0.96 21.56
CA GLU B 512 -19.35 0.77 20.57
C GLU B 512 -18.98 1.38 19.23
N GLU B 513 -18.18 2.45 19.23
CA GLU B 513 -17.79 3.09 17.99
C GLU B 513 -16.78 2.29 17.20
N TYR B 514 -15.97 1.46 17.87
CA TYR B 514 -14.95 0.66 17.21
C TYR B 514 -15.19 -0.84 17.38
N ALA B 515 -16.42 -1.25 17.70
CA ALA B 515 -16.74 -2.66 17.84
C ALA B 515 -16.69 -3.42 16.51
N PHE B 516 -16.40 -2.75 15.40
CA PHE B 516 -16.31 -3.43 14.11
C PHE B 516 -15.16 -4.43 14.08
N PHE B 517 -14.09 -4.15 14.81
CA PHE B 517 -12.90 -5.00 14.78
C PHE B 517 -13.07 -6.32 15.52
N LYS B 518 -14.22 -6.56 16.15
CA LYS B 518 -14.46 -7.83 16.80
C LYS B 518 -14.63 -8.96 15.79
N ASP B 519 -14.99 -8.64 14.55
CA ASP B 519 -15.15 -9.62 13.48
C ASP B 519 -13.94 -9.61 12.55
N SER B 520 -12.74 -9.43 13.10
CA SER B 520 -11.54 -9.31 12.28
C SER B 520 -11.25 -10.58 11.50
N ALA B 521 -11.54 -11.75 12.08
CA ALA B 521 -11.31 -13.01 11.37
C ALA B 521 -12.21 -13.11 10.14
N LYS B 522 -13.50 -12.80 10.31
CA LYS B 522 -14.41 -12.81 9.18
C LYS B 522 -14.01 -11.77 8.14
N ILE B 523 -13.56 -10.60 8.59
CA ILE B 523 -13.11 -9.56 7.65
C ILE B 523 -11.92 -10.06 6.84
N ALA B 524 -10.96 -10.70 7.51
CA ALA B 524 -9.79 -11.22 6.80
C ALA B 524 -10.16 -12.31 5.82
N ASP B 525 -11.08 -13.20 6.20
CA ASP B 525 -11.52 -14.25 5.28
C ASP B 525 -12.22 -13.66 4.06
N GLU B 526 -13.09 -12.67 4.28
CA GLU B 526 -13.78 -12.02 3.15
C GLU B 526 -12.78 -11.29 2.26
N LEU B 527 -11.75 -10.67 2.86
CA LEU B 527 -10.76 -9.97 2.06
C LEU B 527 -9.92 -10.93 1.25
N ARG B 528 -9.58 -12.09 1.82
CA ARG B 528 -8.88 -13.12 1.05
C ARG B 528 -9.74 -13.59 -0.12
N LEU B 529 -11.02 -13.86 0.14
CA LEU B 529 -11.93 -14.26 -0.92
C LEU B 529 -11.98 -13.21 -2.03
N ILE B 530 -12.14 -11.94 -1.65
CA ILE B 530 -12.22 -10.87 -2.65
C ILE B 530 -10.93 -10.78 -3.44
N LYS B 531 -9.78 -10.85 -2.76
CA LYS B 531 -8.49 -10.82 -3.44
C LYS B 531 -8.35 -11.97 -4.43
N SER B 532 -8.98 -13.11 -4.14
CA SER B 532 -8.88 -14.26 -5.04
C SER B 532 -9.52 -14.00 -6.40
N PHE B 533 -10.41 -13.00 -6.52
CA PHE B 533 -11.02 -12.73 -7.81
C PHE B 533 -11.15 -11.24 -8.13
N ALA B 534 -10.39 -10.39 -7.47
CA ALA B 534 -10.50 -8.94 -7.68
C ALA B 534 -9.73 -8.44 -8.89
N ARG B 535 -9.29 -9.33 -9.77
CA ARG B 535 -8.50 -8.95 -10.95
C ARG B 535 -8.99 -9.69 -12.18
N MET B 536 -10.29 -9.63 -12.45
CA MET B 536 -10.88 -10.29 -13.62
C MET B 536 -11.58 -9.26 -14.49
N GLY B 537 -10.79 -8.56 -15.31
CA GLY B 537 -11.32 -7.68 -16.33
C GLY B 537 -11.31 -6.22 -15.92
N GLU B 538 -10.31 -5.47 -16.38
CA GLU B 538 -10.27 -4.04 -16.12
C GLU B 538 -11.12 -3.27 -17.14
N PRO B 539 -10.89 -3.41 -18.46
CA PRO B 539 -11.62 -2.57 -19.42
C PRO B 539 -12.87 -3.24 -19.97
N ILE B 540 -13.62 -2.50 -20.77
CA ILE B 540 -14.78 -3.04 -21.47
C ILE B 540 -14.43 -3.20 -22.94
N ALA B 541 -15.32 -3.88 -23.67
CA ALA B 541 -15.12 -4.09 -25.09
C ALA B 541 -15.74 -2.99 -25.94
N ASP B 542 -16.48 -2.06 -25.34
CA ASP B 542 -17.14 -0.98 -26.08
C ASP B 542 -16.27 0.28 -26.04
N ALA B 543 -15.16 0.21 -26.78
CA ALA B 543 -14.29 1.37 -26.92
C ALA B 543 -14.91 2.38 -27.88
N ARG B 544 -14.72 3.66 -27.59
CA ARG B 544 -15.35 4.72 -28.35
C ARG B 544 -14.31 5.55 -29.10
N ARG B 545 -14.78 6.61 -29.77
CA ARG B 545 -13.88 7.49 -30.49
C ARG B 545 -12.94 8.23 -29.54
N ALA B 546 -13.41 8.53 -28.33
CA ALA B 546 -12.54 9.17 -27.34
C ALA B 546 -11.37 8.26 -26.97
N MET B 547 -11.66 6.98 -26.73
CA MET B 547 -10.58 6.04 -26.42
C MET B 547 -9.67 5.82 -27.62
N TYR B 548 -10.22 5.81 -28.83
CA TYR B 548 -9.37 5.71 -30.01
C TYR B 548 -8.44 6.92 -30.13
N ILE B 549 -8.96 8.12 -29.87
CA ILE B 549 -8.13 9.31 -29.92
C ILE B 549 -7.06 9.28 -28.84
N ASP B 550 -7.41 8.76 -27.65
CA ASP B 550 -6.42 8.63 -26.59
C ASP B 550 -5.32 7.64 -26.96
N ALA B 551 -5.70 6.52 -27.59
CA ALA B 551 -4.71 5.54 -28.02
C ALA B 551 -3.80 6.12 -29.10
N ILE B 552 -4.35 6.91 -30.02
CA ILE B 552 -3.52 7.57 -31.02
C ILE B 552 -2.61 8.61 -30.36
N ARG B 553 -3.11 9.28 -29.33
CA ARG B 553 -2.31 10.31 -28.65
C ARG B 553 -1.13 9.69 -27.92
N ILE B 554 -1.35 8.60 -27.19
CA ILE B 554 -0.27 7.98 -26.44
C ILE B 554 0.77 7.35 -27.37
N LEU B 555 0.38 6.98 -28.59
CA LEU B 555 1.34 6.45 -29.55
C LEU B 555 2.09 7.54 -30.30
N GLY B 556 1.77 8.81 -30.08
CA GLY B 556 2.48 9.89 -30.72
C GLY B 556 1.79 10.42 -31.97
N THR B 557 1.27 11.64 -31.88
CA THR B 557 0.62 12.26 -33.03
C THR B 557 0.64 13.78 -32.83
N ASN B 558 0.69 14.50 -33.95
CA ASN B 558 0.68 15.96 -33.94
C ASN B 558 -0.49 16.53 -34.74
N LEU B 559 -1.43 15.69 -35.15
CA LEU B 559 -2.57 16.17 -35.92
C LEU B 559 -3.54 16.94 -35.03
N SER B 560 -4.42 17.70 -35.68
CA SER B 560 -5.43 18.46 -34.96
C SER B 560 -6.51 17.53 -34.43
N TYR B 561 -7.39 18.09 -33.59
CA TYR B 561 -8.45 17.28 -32.99
C TYR B 561 -9.46 16.82 -34.03
N ASP B 562 -9.74 17.66 -35.02
CA ASP B 562 -10.66 17.25 -36.09
C ASP B 562 -10.06 16.13 -36.93
N GLU B 563 -8.76 16.22 -37.23
CA GLU B 563 -8.10 15.14 -37.96
C GLU B 563 -8.05 13.86 -37.16
N LEU B 564 -7.86 13.97 -35.84
CA LEU B 564 -7.90 12.78 -34.99
C LEU B 564 -9.29 12.15 -34.98
N LYS B 565 -10.34 12.99 -34.91
CA LYS B 565 -11.70 12.47 -34.97
C LYS B 565 -11.96 11.77 -36.29
N ALA B 566 -11.50 12.36 -37.40
CA ALA B 566 -11.69 11.72 -38.70
C ALA B 566 -10.94 10.39 -38.78
N LEU B 567 -9.70 10.35 -38.28
CA LEU B 567 -8.92 9.12 -38.31
C LEU B 567 -9.55 8.04 -37.44
N ALA B 568 -10.14 8.43 -36.30
CA ALA B 568 -10.82 7.46 -35.45
C ALA B 568 -12.12 6.98 -36.10
N ASP B 569 -12.80 7.86 -36.83
CA ASP B 569 -14.01 7.44 -37.55
C ASP B 569 -13.69 6.50 -38.70
N THR B 570 -12.51 6.66 -39.31
CA THR B 570 -12.12 5.75 -40.39
C THR B 570 -11.92 4.32 -39.90
N PHE B 571 -11.81 4.11 -38.59
CA PHE B 571 -11.67 2.76 -38.06
C PHE B 571 -12.96 1.96 -38.15
N SER B 572 -14.11 2.63 -38.23
CA SER B 572 -15.39 1.95 -38.31
C SER B 572 -16.27 2.43 -39.46
N LEU B 573 -15.98 3.57 -40.07
CA LEU B 573 -16.75 4.09 -41.19
C LEU B 573 -15.97 3.94 -42.48
N ASP B 574 -16.67 3.58 -43.55
CA ASP B 574 -16.04 3.40 -44.85
C ASP B 574 -15.89 4.77 -45.54
N GLU B 575 -15.55 4.75 -46.82
CA GLU B 575 -15.38 5.98 -47.58
C GLU B 575 -16.69 6.64 -47.95
N ASN B 576 -17.83 6.06 -47.57
CA ASN B 576 -19.13 6.62 -47.89
C ASN B 576 -20.00 6.85 -46.65
N GLY B 577 -19.46 6.64 -45.45
CA GLY B 577 -20.17 6.94 -44.23
C GLY B 577 -20.90 5.77 -43.60
N ASN B 578 -20.79 4.57 -44.16
CA ASN B 578 -21.44 3.39 -43.61
C ASN B 578 -20.47 2.60 -42.75
N LYS B 579 -21.02 1.77 -41.86
CA LYS B 579 -20.20 0.95 -40.98
C LYS B 579 -19.53 -0.16 -41.77
N LEU B 580 -18.28 -0.46 -41.40
CA LEU B 580 -17.54 -1.53 -42.07
C LEU B 580 -18.15 -2.88 -41.77
N LYS B 581 -18.09 -3.76 -42.76
CA LYS B 581 -18.64 -5.11 -42.62
C LYS B 581 -17.74 -5.97 -41.73
N LYS B 582 -18.20 -7.18 -41.46
CA LYS B 582 -17.44 -8.10 -40.63
C LYS B 582 -16.17 -8.55 -41.36
N GLY B 583 -15.03 -8.46 -40.68
CA GLY B 583 -13.76 -8.83 -41.25
C GLY B 583 -12.92 -7.66 -41.74
N LYS B 584 -13.52 -6.47 -41.86
CA LYS B 584 -12.80 -5.28 -42.31
C LYS B 584 -12.38 -4.39 -41.16
N HIS B 585 -12.46 -4.87 -39.93
CA HIS B 585 -12.06 -4.11 -38.74
C HIS B 585 -10.68 -4.51 -38.24
N GLY B 586 -9.76 -4.81 -39.16
CA GLY B 586 -8.45 -5.28 -38.76
C GLY B 586 -7.67 -4.26 -37.95
N MET B 587 -7.64 -3.01 -38.42
CA MET B 587 -6.90 -1.97 -37.72
C MET B 587 -7.51 -1.68 -36.35
N ARG B 588 -8.84 -1.63 -36.27
CA ARG B 588 -9.49 -1.38 -34.99
C ARG B 588 -9.24 -2.52 -34.01
N ASN B 589 -9.32 -3.76 -34.48
CA ASN B 589 -9.05 -4.91 -33.62
C ASN B 589 -7.59 -4.91 -33.16
N PHE B 590 -6.66 -4.51 -34.04
CA PHE B 590 -5.26 -4.42 -33.65
C PHE B 590 -5.06 -3.38 -32.56
N ILE B 591 -5.66 -2.19 -32.75
CA ILE B 591 -5.53 -1.14 -31.74
C ILE B 591 -6.14 -1.59 -30.42
N ILE B 592 -7.28 -2.28 -30.48
CA ILE B 592 -7.91 -2.78 -29.25
C ILE B 592 -6.99 -3.76 -28.54
N ASN B 593 -6.54 -4.79 -29.25
CA ASN B 593 -5.73 -5.84 -28.64
C ASN B 593 -4.36 -5.35 -28.21
N ASN B 594 -3.88 -4.23 -28.75
CA ASN B 594 -2.54 -3.74 -28.42
C ASN B 594 -2.55 -2.66 -27.35
N VAL B 595 -3.43 -1.67 -27.43
CA VAL B 595 -3.39 -0.51 -26.55
C VAL B 595 -4.53 -0.52 -25.54
N ILE B 596 -5.78 -0.49 -26.02
CA ILE B 596 -6.91 -0.26 -25.12
C ILE B 596 -7.11 -1.44 -24.17
N SER B 597 -6.93 -2.66 -24.66
CA SER B 597 -7.11 -3.85 -23.83
C SER B 597 -5.90 -4.16 -22.96
N ASN B 598 -4.97 -3.22 -22.81
CA ASN B 598 -3.76 -3.44 -22.02
C ASN B 598 -3.96 -2.86 -20.62
N LYS B 599 -3.68 -3.67 -19.60
CA LYS B 599 -3.79 -3.20 -18.22
C LYS B 599 -2.78 -2.11 -17.92
N ARG B 600 -1.59 -2.17 -18.54
CA ARG B 600 -0.60 -1.11 -18.34
C ARG B 600 -1.09 0.19 -18.95
N PHE B 601 -1.70 0.14 -20.15
CA PHE B 601 -2.28 1.34 -20.73
C PHE B 601 -3.44 1.86 -19.90
N HIS B 602 -4.22 0.96 -19.29
CA HIS B 602 -5.29 1.40 -18.40
C HIS B 602 -4.72 2.15 -17.19
N TYR B 603 -3.67 1.60 -16.59
CA TYR B 603 -3.02 2.28 -15.47
C TYR B 603 -2.46 3.64 -15.91
N LEU B 604 -1.92 3.71 -17.12
CA LEU B 604 -1.39 4.97 -17.62
C LEU B 604 -2.50 6.00 -17.83
N ILE B 605 -3.64 5.56 -18.36
CA ILE B 605 -4.74 6.48 -18.63
C ILE B 605 -5.45 6.90 -17.35
N ARG B 606 -5.41 6.09 -16.29
CA ARG B 606 -6.07 6.48 -15.05
C ARG B 606 -5.31 7.57 -14.32
N TYR B 607 -3.98 7.56 -14.40
CA TYR B 607 -3.17 8.52 -13.65
C TYR B 607 -2.50 9.59 -14.51
N GLY B 608 -2.44 9.40 -15.83
CA GLY B 608 -1.76 10.33 -16.70
C GLY B 608 -2.58 10.63 -17.96
N ASP B 609 -2.05 11.56 -18.74
CA ASP B 609 -2.50 12.05 -20.03
C ASP B 609 -1.69 11.42 -21.16
N PRO B 610 -2.34 10.99 -22.24
CA PRO B 610 -1.58 10.30 -23.31
C PRO B 610 -0.50 11.17 -23.94
N ALA B 611 -0.82 12.43 -24.28
CA ALA B 611 0.19 13.29 -24.90
C ALA B 611 1.32 13.59 -23.93
N HIS B 612 1.00 13.79 -22.66
CA HIS B 612 2.04 14.04 -21.66
C HIS B 612 2.95 12.84 -21.50
N LEU B 613 2.38 11.63 -21.49
CA LEU B 613 3.20 10.43 -21.37
C LEU B 613 4.05 10.22 -22.62
N HIS B 614 3.52 10.57 -23.80
CA HIS B 614 4.31 10.49 -25.02
C HIS B 614 5.49 11.46 -24.98
N GLU B 615 5.25 12.68 -24.49
CA GLU B 615 6.35 13.63 -24.32
C GLU B 615 7.35 13.13 -23.28
N ILE B 616 6.88 12.41 -22.26
CA ILE B 616 7.77 11.82 -21.27
C ILE B 616 8.68 10.78 -21.93
N ALA B 617 8.09 9.90 -22.75
CA ALA B 617 8.84 8.81 -23.34
C ALA B 617 9.85 9.26 -24.39
N LYS B 618 9.77 10.51 -24.85
CA LYS B 618 10.71 11.00 -25.85
C LYS B 618 12.08 11.35 -25.26
N ASN B 619 12.20 11.44 -23.93
CA ASN B 619 13.48 11.74 -23.30
C ASN B 619 14.33 10.48 -23.25
N GLU B 620 15.49 10.53 -23.92
CA GLU B 620 16.37 9.36 -23.97
C GLU B 620 17.06 9.10 -22.64
N ALA B 621 17.17 10.10 -21.77
CA ALA B 621 17.87 9.90 -20.50
C ALA B 621 17.11 8.97 -19.57
N VAL B 622 15.79 9.16 -19.47
CA VAL B 622 14.99 8.35 -18.55
C VAL B 622 14.71 6.98 -19.16
N VAL B 623 14.49 6.92 -20.47
CA VAL B 623 14.23 5.63 -21.13
C VAL B 623 15.45 4.72 -21.00
N LYS B 624 16.65 5.28 -21.19
CA LYS B 624 17.86 4.48 -21.03
C LYS B 624 18.06 4.05 -19.60
N PHE B 625 17.55 4.83 -18.64
CA PHE B 625 17.64 4.42 -17.23
C PHE B 625 16.66 3.28 -16.93
N VAL B 626 15.45 3.35 -17.49
CA VAL B 626 14.48 2.28 -17.27
C VAL B 626 14.93 1.00 -17.98
N LEU B 627 15.34 1.12 -19.24
CA LEU B 627 15.84 -0.04 -19.96
C LEU B 627 17.12 -0.57 -19.34
N GLY B 628 17.99 0.32 -18.84
CA GLY B 628 19.18 -0.12 -18.14
C GLY B 628 18.87 -0.80 -16.83
N ARG B 629 17.77 -0.41 -16.18
CA ARG B 629 17.38 -1.06 -14.93
C ARG B 629 16.83 -2.46 -15.18
N ILE B 630 16.20 -2.68 -16.33
CA ILE B 630 15.72 -4.02 -16.67
C ILE B 630 16.89 -4.95 -16.95
N ALA B 631 17.98 -4.41 -17.52
CA ALA B 631 19.17 -5.21 -17.78
C ALA B 631 19.87 -5.63 -16.51
N ASP B 632 19.68 -4.90 -15.41
CA ASP B 632 20.29 -5.27 -14.13
C ASP B 632 19.59 -6.45 -13.47
N ILE B 633 18.33 -6.73 -13.84
CA ILE B 633 17.62 -7.87 -13.29
C ILE B 633 18.10 -9.19 -13.86
N GLN B 634 18.92 -9.16 -14.92
CA GLN B 634 19.43 -10.39 -15.52
C GLN B 634 20.33 -11.18 -14.59
N LYS B 635 20.85 -10.55 -13.53
CA LYS B 635 21.71 -11.25 -12.59
C LYS B 635 20.95 -12.31 -11.80
N LYS B 636 19.64 -12.16 -11.65
CA LYS B 636 18.83 -13.12 -10.92
C LYS B 636 18.61 -14.39 -11.75
N LYS B 642 16.37 -16.72 -22.77
CA LYS B 642 17.56 -15.89 -22.60
C LYS B 642 17.24 -14.67 -21.73
N ASN B 643 18.07 -13.64 -21.84
CA ASN B 643 17.87 -12.43 -21.07
C ASN B 643 16.70 -11.62 -21.63
N GLN B 644 16.16 -10.73 -20.78
CA GLN B 644 15.01 -9.93 -21.18
C GLN B 644 15.40 -8.89 -22.23
N ILE B 645 16.55 -8.26 -22.07
CA ILE B 645 17.02 -7.29 -23.07
C ILE B 645 17.30 -7.99 -24.39
N ASP B 646 17.88 -9.19 -24.33
CA ASP B 646 18.14 -9.95 -25.55
C ASP B 646 16.83 -10.35 -26.24
N ARG B 647 15.83 -10.75 -25.45
CA ARG B 647 14.54 -11.09 -26.05
C ARG B 647 13.87 -9.88 -26.67
N TYR B 648 13.95 -8.72 -26.00
CA TYR B 648 13.41 -7.49 -26.57
C TYR B 648 14.11 -7.11 -27.86
N TYR B 649 15.43 -7.26 -27.90
CA TYR B 649 16.18 -6.94 -29.12
C TYR B 649 15.88 -7.92 -30.24
N GLU B 650 15.59 -9.18 -29.90
CA GLU B 650 15.30 -10.19 -30.92
C GLU B 650 13.89 -10.03 -31.47
N THR B 651 12.93 -9.69 -30.62
CA THR B 651 11.54 -9.60 -31.04
C THR B 651 11.18 -8.26 -31.65
N CYS B 652 11.95 -7.21 -31.37
CA CYS B 652 11.63 -5.87 -31.85
C CYS B 652 12.53 -5.39 -32.98
N ILE B 653 13.83 -5.69 -32.91
CA ILE B 653 14.78 -5.15 -33.87
C ILE B 653 15.32 -6.22 -34.81
N GLY B 654 15.42 -7.47 -34.38
CA GLY B 654 15.90 -8.53 -35.25
C GLY B 654 16.87 -9.48 -34.57
N LYS B 655 17.33 -10.49 -35.30
CA LYS B 655 18.20 -11.52 -34.77
C LYS B 655 19.68 -11.22 -34.99
N ASP B 656 20.05 -9.94 -35.02
CA ASP B 656 21.45 -9.58 -35.19
C ASP B 656 22.25 -9.98 -33.96
N LYS B 657 23.48 -10.44 -34.19
CA LYS B 657 24.36 -10.90 -33.14
C LYS B 657 25.56 -9.97 -33.00
N GLY B 658 26.33 -10.19 -31.94
CA GLY B 658 27.50 -9.40 -31.67
C GLY B 658 27.26 -8.08 -30.96
N LYS B 659 26.00 -7.64 -30.86
CA LYS B 659 25.69 -6.39 -30.20
C LYS B 659 25.80 -6.55 -28.69
N SER B 660 26.46 -5.60 -28.03
CA SER B 660 26.59 -5.62 -26.59
C SER B 660 25.29 -5.17 -25.93
N VAL B 661 25.23 -5.34 -24.61
CA VAL B 661 24.02 -4.96 -23.86
C VAL B 661 23.78 -3.46 -23.96
N SER B 662 24.85 -2.67 -23.88
CA SER B 662 24.70 -1.21 -23.97
C SER B 662 24.19 -0.80 -25.35
N GLU B 663 24.71 -1.43 -26.40
CA GLU B 663 24.24 -1.11 -27.75
C GLU B 663 22.80 -1.53 -27.95
N LYS B 664 22.41 -2.68 -27.38
CA LYS B 664 21.01 -3.11 -27.48
C LYS B 664 20.10 -2.14 -26.74
N VAL B 665 20.51 -1.67 -25.56
CA VAL B 665 19.71 -0.70 -24.82
C VAL B 665 19.61 0.62 -25.60
N ASP B 666 20.70 1.05 -26.22
CA ASP B 666 20.67 2.28 -27.01
C ASP B 666 19.73 2.13 -28.21
N ALA B 667 19.75 0.97 -28.87
CA ALA B 667 18.87 0.75 -30.01
C ALA B 667 17.41 0.71 -29.58
N LEU B 668 17.12 0.05 -28.44
CA LEU B 668 15.76 0.03 -27.93
C LEU B 668 15.30 1.44 -27.56
N THR B 669 16.18 2.25 -27.00
CA THR B 669 15.82 3.63 -26.68
C THR B 669 15.55 4.43 -27.96
N LYS B 670 16.36 4.23 -28.98
CA LYS B 670 16.16 4.94 -30.24
C LYS B 670 14.84 4.55 -30.90
N ILE B 671 14.48 3.27 -30.85
CA ILE B 671 13.22 2.84 -31.45
C ILE B 671 12.03 3.15 -30.55
N ILE B 672 12.24 3.42 -29.27
CA ILE B 672 11.15 3.80 -28.37
C ILE B 672 10.91 5.30 -28.38
N THR B 673 11.98 6.10 -28.41
CA THR B 673 11.81 7.55 -28.46
C THR B 673 11.29 8.01 -29.80
N GLY B 674 11.50 7.22 -30.85
CA GLY B 674 10.98 7.56 -32.17
C GLY B 674 9.59 7.02 -32.41
N MET B 675 8.86 6.74 -31.34
CA MET B 675 7.51 6.20 -31.46
C MET B 675 6.57 7.25 -32.05
N ASN B 676 5.83 6.86 -33.09
CA ASN B 676 4.89 7.76 -33.73
C ASN B 676 3.82 6.91 -34.42
N TYR B 677 2.58 7.40 -34.40
CA TYR B 677 1.49 6.63 -34.98
C TYR B 677 1.54 6.60 -36.50
N ASP B 678 2.25 7.53 -37.13
CA ASP B 678 2.37 7.54 -38.59
C ASP B 678 3.04 6.28 -39.11
N GLN B 679 3.86 5.61 -38.27
CA GLN B 679 4.45 4.34 -38.68
C GLN B 679 3.38 3.28 -38.93
N PHE B 680 2.38 3.22 -38.04
CA PHE B 680 1.30 2.25 -38.21
C PHE B 680 0.24 2.73 -39.19
N ASP B 681 0.12 4.04 -39.40
CA ASP B 681 -0.88 4.55 -40.33
C ASP B 681 -0.48 4.25 -41.78
N LYS B 682 0.77 4.51 -42.14
CA LYS B 682 1.23 4.23 -43.49
C LYS B 682 1.26 2.73 -43.77
N LYS B 683 1.45 1.91 -42.73
CA LYS B 683 1.46 0.46 -42.86
C LYS B 683 0.13 -0.15 -42.42
N ARG B 684 -0.98 0.53 -42.70
CA ARG B 684 -2.30 0.02 -42.35
C ARG B 684 -2.66 -1.27 -43.08
N SER B 685 -1.86 -1.68 -44.06
CA SER B 685 -2.05 -2.95 -44.75
C SER B 685 -1.71 -4.15 -43.88
N VAL B 686 -1.40 -3.93 -42.60
CA VAL B 686 -1.13 -5.02 -41.68
C VAL B 686 -2.37 -5.83 -41.32
N ILE B 687 -3.55 -5.40 -41.79
CA ILE B 687 -4.77 -6.13 -41.53
C ILE B 687 -4.73 -7.54 -42.11
N GLU B 688 -3.92 -7.75 -43.15
CA GLU B 688 -3.73 -9.10 -43.70
C GLU B 688 -2.87 -9.91 -42.74
N ASP B 689 -3.41 -11.04 -42.28
CA ASP B 689 -2.74 -11.89 -41.30
C ASP B 689 -2.63 -13.33 -41.80
N THR B 690 -2.46 -13.52 -43.11
CA THR B 690 -2.32 -14.87 -43.65
C THR B 690 -0.94 -15.45 -43.43
N GLY B 691 0.05 -14.63 -43.10
CA GLY B 691 1.39 -15.12 -42.85
C GLY B 691 2.49 -14.26 -43.42
N ARG B 692 2.13 -13.37 -44.36
CA ARG B 692 3.13 -12.52 -45.00
C ARG B 692 3.53 -11.37 -44.07
N GLU B 693 2.55 -10.56 -43.66
CA GLU B 693 2.79 -9.43 -42.78
C GLU B 693 2.74 -9.82 -41.31
N ASN B 694 2.73 -11.12 -41.01
CA ASN B 694 2.63 -11.56 -39.62
C ASN B 694 3.87 -11.17 -38.83
N ALA B 695 5.06 -11.22 -39.45
CA ALA B 695 6.28 -10.84 -38.76
C ALA B 695 6.26 -9.36 -38.40
N GLU B 696 5.86 -8.51 -39.34
CA GLU B 696 5.78 -7.08 -39.07
C GLU B 696 4.72 -6.78 -38.02
N ARG B 697 3.61 -7.52 -38.06
CA ARG B 697 2.56 -7.32 -37.07
C ARG B 697 3.05 -7.67 -35.67
N GLU B 698 3.74 -8.81 -35.53
CA GLU B 698 4.27 -9.20 -34.24
C GLU B 698 5.35 -8.22 -33.77
N LYS B 699 6.15 -7.70 -34.70
CA LYS B 699 7.16 -6.71 -34.33
C LYS B 699 6.50 -5.44 -33.79
N PHE B 700 5.45 -4.97 -34.46
CA PHE B 700 4.72 -3.79 -33.98
C PHE B 700 4.09 -4.06 -32.62
N LYS B 701 3.53 -5.26 -32.43
CA LYS B 701 2.96 -5.62 -31.14
C LYS B 701 4.01 -5.55 -30.04
N LYS B 702 5.18 -6.13 -30.28
CA LYS B 702 6.24 -6.13 -29.27
C LYS B 702 6.74 -4.73 -28.99
N ILE B 703 6.85 -3.89 -30.02
CA ILE B 703 7.32 -2.53 -29.83
C ILE B 703 6.32 -1.74 -28.97
N ILE B 704 5.02 -1.87 -29.28
CA ILE B 704 4.00 -1.18 -28.49
C ILE B 704 4.02 -1.70 -27.05
N SER B 705 4.21 -3.01 -26.88
CA SER B 705 4.25 -3.59 -25.54
C SER B 705 5.42 -3.02 -24.73
N LEU B 706 6.60 -2.93 -25.34
CA LEU B 706 7.76 -2.39 -24.65
C LEU B 706 7.56 -0.91 -24.32
N TYR B 707 6.99 -0.15 -25.26
CA TYR B 707 6.72 1.27 -25.00
C TYR B 707 5.79 1.44 -23.80
N LEU B 708 4.66 0.71 -23.81
CA LEU B 708 3.71 0.80 -22.70
C LEU B 708 4.34 0.32 -21.40
N THR B 709 5.20 -0.70 -21.47
CA THR B 709 5.86 -1.20 -20.26
C THR B 709 6.79 -0.16 -19.65
N VAL B 710 7.56 0.53 -20.49
CA VAL B 710 8.46 1.57 -19.99
C VAL B 710 7.67 2.70 -19.35
N ILE B 711 6.63 3.17 -20.03
CA ILE B 711 5.85 4.27 -19.47
C ILE B 711 5.13 3.84 -18.21
N TYR B 712 4.67 2.58 -18.15
CA TYR B 712 4.03 2.07 -16.96
C TYR B 712 4.99 2.00 -15.78
N HIS B 713 6.22 1.53 -16.03
CA HIS B 713 7.22 1.51 -14.97
C HIS B 713 7.47 2.91 -14.43
N ILE B 714 7.64 3.88 -15.33
CA ILE B 714 7.90 5.26 -14.90
C ILE B 714 6.75 5.77 -14.03
N LEU B 715 5.52 5.68 -14.54
CA LEU B 715 4.38 6.23 -13.82
C LEU B 715 4.15 5.50 -12.51
N LYS B 716 4.33 4.18 -12.49
CA LYS B 716 4.12 3.41 -11.27
C LYS B 716 5.14 3.78 -10.21
N ASN B 717 6.41 3.95 -10.60
CA ASN B 717 7.41 4.38 -9.63
C ASN B 717 7.09 5.76 -9.09
N ILE B 718 6.66 6.69 -9.96
CA ILE B 718 6.31 8.03 -9.50
C ILE B 718 5.16 7.97 -8.50
N VAL B 719 4.13 7.18 -8.80
CA VAL B 719 2.97 7.09 -7.92
C VAL B 719 3.36 6.45 -6.59
N ASN B 720 4.17 5.39 -6.63
CA ASN B 720 4.59 4.74 -5.40
C ASN B 720 5.44 5.64 -4.53
N ILE B 721 6.24 6.52 -5.14
CA ILE B 721 7.04 7.45 -4.35
C ILE B 721 6.16 8.55 -3.77
N ASN B 722 5.18 9.03 -4.53
CA ASN B 722 4.27 10.04 -4.00
C ASN B 722 3.40 9.51 -2.87
N ALA B 723 3.03 8.23 -2.94
CA ALA B 723 2.20 7.64 -1.90
C ALA B 723 2.92 7.62 -0.55
N ARG B 724 4.24 7.53 -0.56
CA ARG B 724 4.99 7.55 0.69
C ARG B 724 4.77 8.86 1.43
N TYR B 725 4.89 9.99 0.73
CA TYR B 725 4.69 11.28 1.38
C TYR B 725 3.21 11.55 1.65
N VAL B 726 2.31 10.96 0.85
CA VAL B 726 0.89 11.01 1.19
C VAL B 726 0.66 10.37 2.56
N ILE B 727 1.21 9.17 2.76
CA ILE B 727 1.08 8.50 4.04
C ILE B 727 1.77 9.30 5.14
N GLY B 728 2.89 9.93 4.82
CA GLY B 728 3.60 10.74 5.81
C GLY B 728 2.75 11.89 6.32
N PHE B 729 2.13 12.63 5.40
CA PHE B 729 1.27 13.74 5.83
C PHE B 729 0.00 13.25 6.51
N HIS B 730 -0.52 12.09 6.10
CA HIS B 730 -1.63 11.49 6.83
C HIS B 730 -1.24 11.20 8.27
N CYS B 731 -0.05 10.65 8.48
CA CYS B 731 0.44 10.40 9.84
C CYS B 731 0.65 11.71 10.60
N VAL B 732 1.13 12.74 9.92
CA VAL B 732 1.30 14.04 10.55
C VAL B 732 -0.03 14.55 11.09
N GLU B 733 -1.07 14.52 10.26
CA GLU B 733 -2.39 14.99 10.69
C GLU B 733 -2.95 14.11 11.81
N ARG B 734 -2.78 12.79 11.70
CA ARG B 734 -3.28 11.87 12.72
C ARG B 734 -2.62 12.15 14.06
N ASP B 735 -1.29 12.30 14.07
CA ASP B 735 -0.58 12.57 15.32
C ASP B 735 -0.87 13.97 15.84
N ALA B 736 -1.15 14.92 14.95
CA ALA B 736 -1.61 16.24 15.40
C ALA B 736 -2.92 16.12 16.17
N GLN B 737 -3.87 15.38 15.61
CA GLN B 737 -5.14 15.18 16.31
C GLN B 737 -4.93 14.43 17.62
N LEU B 738 -4.03 13.45 17.64
CA LEU B 738 -3.78 12.68 18.85
C LEU B 738 -3.17 13.54 19.95
N TYR B 739 -2.19 14.39 19.59
CA TYR B 739 -1.57 15.26 20.58
C TYR B 739 -2.53 16.36 21.03
N LYS B 740 -3.47 16.76 20.16
CA LYS B 740 -4.52 17.69 20.59
C LYS B 740 -5.43 17.01 21.61
N GLU B 741 -5.81 15.75 21.35
CA GLU B 741 -6.60 15.01 22.33
C GLU B 741 -5.77 14.67 23.56
N LYS B 742 -4.44 14.62 23.43
CA LYS B 742 -3.59 14.33 24.58
C LYS B 742 -3.68 15.42 25.63
N GLY B 743 -3.78 16.68 25.22
CA GLY B 743 -3.87 17.78 26.15
C GLY B 743 -2.80 18.83 25.96
N TYR B 744 -2.07 18.75 24.85
CA TYR B 744 -1.01 19.70 24.56
C TYR B 744 -1.54 20.87 23.75
N ASP B 745 -0.70 21.89 23.58
CA ASP B 745 -1.07 23.11 22.88
C ASP B 745 -0.72 22.96 21.40
N ILE B 746 -1.74 22.71 20.58
CA ILE B 746 -1.57 22.59 19.14
C ILE B 746 -2.90 22.96 18.48
N ASN B 747 -2.82 23.81 17.45
CA ASN B 747 -4.01 24.34 16.78
C ASN B 747 -4.24 23.55 15.50
N LEU B 748 -5.21 22.64 15.55
CA LEU B 748 -5.57 21.86 14.36
C LEU B 748 -6.21 22.73 13.28
N LYS B 749 -6.73 23.90 13.64
CA LYS B 749 -7.31 24.80 12.64
C LYS B 749 -6.24 25.58 11.90
N LYS B 750 -5.13 25.91 12.56
CA LYS B 750 -4.07 26.69 11.96
C LYS B 750 -2.82 25.87 11.65
N LEU B 751 -2.89 24.54 11.74
CA LEU B 751 -1.76 23.73 11.31
C LEU B 751 -1.48 23.86 9.81
N GLU B 752 -2.45 24.38 9.05
CA GLU B 752 -2.23 24.58 7.61
C GLU B 752 -1.47 25.87 7.36
N GLU B 753 -1.91 26.98 7.97
CA GLU B 753 -1.24 28.26 7.77
C GLU B 753 0.14 28.26 8.42
N LYS B 754 0.24 27.80 9.66
CA LYS B 754 1.51 27.75 10.38
C LYS B 754 2.42 26.64 9.90
N GLY B 755 2.03 25.91 8.85
CA GLY B 755 2.82 24.79 8.36
C GLY B 755 2.60 23.53 9.17
N PHE B 756 2.78 22.37 8.54
CA PHE B 756 2.58 21.10 9.22
C PHE B 756 3.65 20.80 10.26
N SER B 757 4.58 21.72 10.51
CA SER B 757 5.60 21.55 11.53
C SER B 757 5.12 21.88 12.93
N SER B 758 3.81 22.02 13.13
CA SER B 758 3.29 22.31 14.46
C SER B 758 3.55 21.14 15.42
N VAL B 759 3.35 19.90 14.94
CA VAL B 759 3.64 18.74 15.77
C VAL B 759 5.12 18.66 16.10
N THR B 760 5.97 19.02 15.14
CA THR B 760 7.41 19.00 15.37
C THR B 760 7.81 20.04 16.39
N LYS B 761 7.23 21.24 16.31
CA LYS B 761 7.51 22.27 17.31
C LYS B 761 7.00 21.87 18.68
N LEU B 762 5.86 21.19 18.73
CA LEU B 762 5.30 20.75 20.01
C LEU B 762 6.16 19.67 20.65
N CYS B 763 6.58 18.68 19.87
CA CYS B 763 7.39 17.58 20.40
C CYS B 763 8.84 17.99 20.66
N ALA B 764 9.30 19.08 20.06
CA ALA B 764 10.68 19.51 20.27
C ALA B 764 10.93 20.03 21.68
N GLY B 765 9.88 20.48 22.38
CA GLY B 765 10.00 20.98 23.73
C GLY B 765 9.58 22.44 23.81
N ILE B 766 10.39 23.24 24.50
CA ILE B 766 10.11 24.65 24.66
C ILE B 766 10.31 25.37 23.33
N ASP B 767 9.33 26.19 22.95
CA ASP B 767 9.39 26.91 21.68
C ASP B 767 10.24 28.15 21.85
N GLU B 768 11.24 28.33 20.98
CA GLU B 768 12.13 29.49 21.01
C GLU B 768 11.99 30.32 19.74
N THR B 769 10.83 30.25 19.07
CA THR B 769 10.58 31.00 17.86
C THR B 769 9.97 32.38 18.13
N ALA B 770 10.18 32.92 19.32
CA ALA B 770 9.66 34.21 19.69
C ALA B 770 10.80 35.13 20.15
N PRO B 771 10.89 36.36 19.64
CA PRO B 771 12.00 37.22 20.04
C PRO B 771 11.95 37.65 21.49
N ASP B 772 10.75 37.81 22.06
CA ASP B 772 10.64 38.18 23.46
C ASP B 772 10.91 37.01 24.39
N LYS B 773 10.60 35.79 23.95
CA LYS B 773 10.81 34.60 24.78
C LYS B 773 12.20 33.98 24.58
N ARG B 774 12.94 34.40 23.55
CA ARG B 774 14.26 33.84 23.30
C ARG B 774 15.19 34.04 24.49
N LYS B 775 15.28 35.28 24.98
CA LYS B 775 16.18 35.57 26.09
C LYS B 775 15.77 34.84 27.36
N ASP B 776 14.46 34.75 27.62
CA ASP B 776 13.98 34.06 28.81
C ASP B 776 14.30 32.57 28.75
N VAL B 777 14.06 31.95 27.59
CA VAL B 777 14.37 30.53 27.43
C VAL B 777 15.87 30.30 27.55
N GLU B 778 16.68 31.21 26.98
CA GLU B 778 18.13 31.06 27.07
C GLU B 778 18.60 31.16 28.52
N LYS B 779 18.07 32.12 29.27
CA LYS B 779 18.47 32.25 30.68
C LYS B 779 18.03 31.05 31.50
N GLU B 780 16.81 30.55 31.27
CA GLU B 780 16.35 29.38 32.01
C GLU B 780 17.19 28.16 31.69
N MET B 781 17.51 27.95 30.42
CA MET B 781 18.35 26.82 30.04
C MET B 781 19.77 26.96 30.57
N ALA B 782 20.29 28.19 30.65
CA ALA B 782 21.61 28.39 31.23
C ALA B 782 21.61 28.06 32.72
N GLU B 783 20.57 28.48 33.43
CA GLU B 783 20.47 28.13 34.85
C GLU B 783 20.35 26.62 35.05
N ARG B 784 19.54 25.97 34.21
CA ARG B 784 19.40 24.52 34.29
C ARG B 784 20.72 23.82 34.01
N ALA B 785 21.47 24.30 33.02
CA ALA B 785 22.75 23.70 32.68
C ALA B 785 23.76 23.90 33.81
N LYS B 786 23.77 25.08 34.43
CA LYS B 786 24.66 25.31 35.57
C LYS B 786 24.32 24.38 36.72
N GLU B 787 23.02 24.22 37.01
CA GLU B 787 22.61 23.31 38.07
C GLU B 787 23.02 21.87 37.76
N SER B 788 22.86 21.46 36.50
CA SER B 788 23.25 20.10 36.12
C SER B 788 24.76 19.90 36.23
N ILE B 789 25.54 20.91 35.83
CA ILE B 789 26.99 20.83 35.97
C ILE B 789 27.37 20.71 37.44
N ASP B 790 26.70 21.47 38.31
CA ASP B 790 27.02 21.41 39.73
C ASP B 790 26.63 20.07 40.33
N SER B 791 25.53 19.48 39.88
CA SER B 791 25.05 18.22 40.45
C SER B 791 25.65 16.98 39.81
N LEU B 792 26.35 17.13 38.68
CA LEU B 792 26.92 15.96 38.00
C LEU B 792 28.01 15.29 38.83
N GLU B 793 28.69 16.04 39.68
CA GLU B 793 29.87 15.52 40.37
C GLU B 793 29.47 14.52 41.47
N SER B 794 28.85 13.40 41.06
CA SER B 794 28.45 12.38 42.03
C SER B 794 28.64 10.96 41.52
N ALA B 795 29.24 10.76 40.35
CA ALA B 795 29.31 9.44 39.75
C ALA B 795 30.49 9.40 38.78
N ASN B 796 30.52 8.36 37.93
CA ASN B 796 31.55 8.10 36.93
C ASN B 796 31.90 9.30 36.05
N PRO B 797 30.98 10.25 35.79
CA PRO B 797 31.40 11.49 35.10
C PRO B 797 32.31 12.37 35.94
N LYS B 798 32.78 11.85 37.09
CA LYS B 798 33.80 12.53 37.87
C LYS B 798 35.02 12.92 37.03
N LEU B 799 35.25 12.19 35.92
CA LEU B 799 36.36 12.51 35.03
C LEU B 799 36.23 13.89 34.38
N TYR B 800 35.11 14.59 34.58
CA TYR B 800 34.97 15.94 34.06
C TYR B 800 35.97 16.90 34.69
N ALA B 801 36.50 16.55 35.87
CA ALA B 801 37.48 17.39 36.54
C ALA B 801 38.80 17.48 35.79
N ASN B 802 39.00 16.69 34.75
CA ASN B 802 40.22 16.74 33.96
C ASN B 802 40.08 17.52 32.66
N TYR B 803 38.87 17.58 32.10
CA TYR B 803 38.61 18.30 30.85
C TYR B 803 38.09 19.71 31.13
N ILE B 804 38.87 20.51 31.84
CA ILE B 804 38.44 21.87 32.20
C ILE B 804 39.63 22.81 32.07
N LYS B 805 39.48 23.84 31.23
CA LYS B 805 40.42 24.95 31.17
C LYS B 805 39.74 26.31 31.22
N TYR B 806 38.42 26.37 31.03
CA TYR B 806 37.58 27.54 31.29
C TYR B 806 37.77 28.67 30.28
N SER B 807 38.78 28.57 29.40
CA SER B 807 38.94 29.59 28.38
C SER B 807 38.07 29.31 27.16
N ASP B 808 38.37 28.21 26.44
CA ASP B 808 37.51 27.78 25.34
C ASP B 808 37.50 26.26 25.22
N GLU B 809 37.81 25.53 26.27
CA GLU B 809 38.13 24.12 26.19
C GLU B 809 36.88 23.27 26.41
N LYS B 810 37.08 21.98 26.70
CA LYS B 810 35.96 21.07 26.93
C LYS B 810 35.01 21.57 28.01
N LYS B 811 35.49 22.43 28.92
CA LYS B 811 34.59 23.04 29.90
C LYS B 811 33.45 23.78 29.22
N ALA B 812 33.78 24.81 28.42
CA ALA B 812 32.75 25.55 27.71
C ALA B 812 32.07 24.71 26.64
N GLU B 813 32.80 23.77 26.03
CA GLU B 813 32.19 22.89 25.05
C GLU B 813 31.05 22.09 25.66
N GLU B 814 31.31 21.43 26.78
CA GLU B 814 30.28 20.67 27.47
C GLU B 814 29.25 21.56 28.14
N PHE B 815 29.58 22.82 28.45
CA PHE B 815 28.55 23.74 28.91
C PHE B 815 27.52 24.00 27.81
N THR B 816 28.01 24.26 26.59
CA THR B 816 27.10 24.44 25.45
C THR B 816 26.31 23.16 25.17
N ARG B 817 26.99 22.00 25.21
CA ARG B 817 26.29 20.74 24.99
C ARG B 817 25.26 20.47 26.09
N GLN B 818 25.53 20.93 27.32
CA GLN B 818 24.58 20.77 28.40
C GLN B 818 23.36 21.67 28.21
N ILE B 819 23.59 22.89 27.74
CA ILE B 819 22.46 23.74 27.36
C ILE B 819 21.62 23.06 26.28
N ASN B 820 22.28 22.45 25.30
CA ASN B 820 21.56 21.78 24.23
C ASN B 820 20.74 20.61 24.75
N ARG B 821 21.33 19.78 25.62
CA ARG B 821 20.60 18.61 26.11
C ARG B 821 19.53 19.00 27.12
N GLU B 822 19.68 20.13 27.81
CA GLU B 822 18.60 20.65 28.64
C GLU B 822 17.45 21.13 27.77
N LYS B 823 17.75 21.76 26.64
CA LYS B 823 16.71 22.05 25.66
C LYS B 823 16.09 20.77 25.11
N ALA B 824 16.86 19.67 25.09
CA ALA B 824 16.36 18.42 24.54
C ALA B 824 15.50 17.65 25.52
N LYS B 825 15.79 17.74 26.83
CA LYS B 825 15.04 16.97 27.81
C LYS B 825 13.61 17.44 27.98
N THR B 826 13.26 18.62 27.45
CA THR B 826 11.90 19.12 27.52
C THR B 826 11.00 18.56 26.42
N ALA B 827 11.50 17.58 25.65
CA ALA B 827 10.71 17.01 24.56
C ALA B 827 9.52 16.23 25.11
N LEU B 828 8.58 15.92 24.21
CA LEU B 828 7.36 15.24 24.56
C LEU B 828 7.25 13.84 23.96
N ASN B 829 8.32 13.35 23.33
CA ASN B 829 8.32 12.01 22.77
C ASN B 829 9.71 11.41 22.91
N ALA B 830 9.78 10.09 22.73
CA ALA B 830 11.06 9.39 22.84
C ALA B 830 11.98 9.66 21.66
N TYR B 831 11.45 10.19 20.56
CA TYR B 831 12.28 10.49 19.41
C TYR B 831 13.11 11.76 19.63
N LEU B 832 12.43 12.88 19.87
CA LEU B 832 13.10 14.17 20.03
C LEU B 832 13.72 14.35 21.42
N ARG B 833 13.63 13.35 22.30
CA ARG B 833 14.33 13.43 23.57
C ARG B 833 15.83 13.21 23.39
N ASN B 834 16.23 12.51 22.34
CA ASN B 834 17.65 12.37 22.03
C ASN B 834 18.23 13.73 21.66
N THR B 835 19.39 14.06 22.23
CA THR B 835 19.95 15.40 22.07
C THR B 835 20.36 15.66 20.62
N LYS B 836 20.91 14.65 19.94
CA LYS B 836 21.34 14.82 18.56
C LYS B 836 20.16 15.19 17.66
N TRP B 837 19.12 14.36 17.67
CA TRP B 837 17.95 14.63 16.82
C TRP B 837 17.25 15.90 17.26
N ASN B 838 17.24 16.21 18.56
CA ASN B 838 16.61 17.44 19.03
C ASN B 838 17.34 18.66 18.48
N VAL B 839 18.67 18.64 18.51
CA VAL B 839 19.45 19.76 17.97
C VAL B 839 19.24 19.88 16.47
N ILE B 840 19.21 18.75 15.77
CA ILE B 840 18.96 18.78 14.33
C ILE B 840 17.60 19.40 14.03
N ILE B 841 16.57 19.01 14.80
CA ILE B 841 15.23 19.52 14.58
C ILE B 841 15.16 21.01 14.89
N ARG B 842 15.78 21.44 15.99
CA ARG B 842 15.75 22.86 16.33
C ARG B 842 16.52 23.71 15.32
N GLU B 843 17.57 23.14 14.71
CA GLU B 843 18.27 23.86 13.65
C GLU B 843 17.41 23.93 12.38
N ASP B 844 16.67 22.87 12.08
CA ASP B 844 15.80 22.88 10.91
C ASP B 844 14.57 23.76 11.10
N LEU B 845 14.16 24.01 12.35
CA LEU B 845 12.97 24.81 12.60
C LEU B 845 13.23 26.31 12.43
N LEU B 846 14.43 26.77 12.73
CA LEU B 846 14.73 28.20 12.63
C LEU B 846 14.76 28.70 11.19
N ARG B 847 14.83 27.79 10.21
CA ARG B 847 14.88 28.15 8.81
C ARG B 847 13.74 27.50 8.03
N ILE B 848 12.60 27.30 8.69
CA ILE B 848 11.46 26.65 8.05
C ILE B 848 10.66 27.67 7.26
N ASP B 849 10.00 27.19 6.21
CA ASP B 849 9.08 28.00 5.41
C ASP B 849 7.71 27.34 5.46
N ASN B 850 6.82 27.89 6.28
CA ASN B 850 5.51 27.27 6.50
C ASN B 850 4.69 27.26 5.21
N LYS B 851 4.76 28.34 4.42
CA LYS B 851 4.01 28.38 3.18
C LYS B 851 4.52 27.34 2.19
N THR B 852 5.85 27.18 2.08
CA THR B 852 6.40 26.18 1.19
C THR B 852 6.03 24.77 1.66
N CYS B 853 6.05 24.52 2.96
CA CYS B 853 5.67 23.21 3.47
C CYS B 853 4.20 22.92 3.20
N THR B 854 3.32 23.93 3.40
CA THR B 854 1.90 23.75 3.11
C THR B 854 1.69 23.48 1.62
N LEU B 855 2.40 24.19 0.75
CA LEU B 855 2.28 23.96 -0.68
C LEU B 855 2.74 22.56 -1.05
N PHE B 856 3.85 22.10 -0.47
CA PHE B 856 4.33 20.76 -0.74
C PHE B 856 3.33 19.71 -0.27
N ALA B 857 2.73 19.93 0.90
CA ALA B 857 1.72 18.98 1.40
C ALA B 857 0.49 18.96 0.51
N ASN B 858 0.05 20.13 0.04
CA ASN B 858 -1.13 20.17 -0.83
C ASN B 858 -0.84 19.53 -2.17
N LYS B 859 0.37 19.69 -2.70
CA LYS B 859 0.70 19.11 -4.00
C LYS B 859 1.02 17.62 -3.92
N ALA B 860 1.44 17.13 -2.75
CA ALA B 860 1.70 15.70 -2.62
C ALA B 860 0.42 14.88 -2.69
N VAL B 861 -0.70 15.44 -2.23
CA VAL B 861 -1.96 14.71 -2.25
C VAL B 861 -2.59 14.73 -3.63
N ALA B 862 -2.41 15.81 -4.39
CA ALA B 862 -3.02 15.95 -5.71
C ALA B 862 -2.22 15.30 -6.82
N LEU B 863 -1.07 14.69 -6.51
CA LEU B 863 -0.21 14.06 -7.51
C LEU B 863 0.19 15.04 -8.62
N GLU B 864 0.45 16.28 -8.24
CA GLU B 864 0.88 17.28 -9.21
C GLU B 864 2.23 16.93 -9.82
N VAL B 865 3.05 16.12 -9.14
CA VAL B 865 4.27 15.62 -9.76
C VAL B 865 3.93 14.70 -10.91
N ALA B 866 3.03 13.74 -10.68
CA ALA B 866 2.58 12.87 -11.76
C ALA B 866 1.84 13.64 -12.85
N ARG B 867 1.34 14.83 -12.53
CA ARG B 867 0.65 15.63 -13.54
C ARG B 867 1.64 16.40 -14.41
N TYR B 868 2.65 17.03 -13.79
CA TYR B 868 3.56 17.95 -14.47
C TYR B 868 4.94 17.34 -14.72
N VAL B 869 5.08 16.02 -14.59
CA VAL B 869 6.34 15.37 -14.94
C VAL B 869 6.70 15.63 -16.41
N HIS B 870 5.70 15.72 -17.29
CA HIS B 870 5.99 15.92 -18.71
C HIS B 870 6.66 17.27 -18.97
N ALA B 871 6.41 18.26 -18.11
CA ALA B 871 6.95 19.60 -18.32
C ALA B 871 8.35 19.79 -17.74
N TYR B 872 8.77 18.92 -16.82
CA TYR B 872 10.05 19.08 -16.15
C TYR B 872 10.98 17.88 -16.30
N ILE B 873 10.57 16.84 -17.03
CA ILE B 873 11.47 15.71 -17.22
C ILE B 873 12.63 16.06 -18.15
N ASN B 874 12.40 16.95 -19.11
CA ASN B 874 13.44 17.31 -20.08
C ASN B 874 14.38 18.39 -19.58
N ASP B 875 14.25 18.82 -18.32
CA ASP B 875 15.11 19.86 -17.75
C ASP B 875 16.00 19.31 -16.64
N ILE B 876 16.46 18.07 -16.79
CA ILE B 876 17.31 17.41 -15.80
C ILE B 876 18.69 17.19 -16.42
N ALA B 877 19.73 17.48 -15.63
CA ALA B 877 21.09 17.23 -16.09
C ALA B 877 21.37 15.73 -16.19
N GLU B 878 20.97 14.97 -15.18
CA GLU B 878 21.18 13.53 -15.19
C GLU B 878 20.16 12.89 -14.25
N VAL B 879 19.53 11.81 -14.70
CA VAL B 879 18.57 11.07 -13.90
C VAL B 879 19.28 9.88 -13.27
N ASN B 880 19.31 9.83 -11.95
CA ASN B 880 19.97 8.76 -11.21
C ASN B 880 19.01 7.74 -10.64
N SER B 881 17.82 8.16 -10.21
CA SER B 881 16.83 7.25 -9.66
C SER B 881 15.47 7.92 -9.69
N TYR B 882 14.43 7.09 -9.52
CA TYR B 882 13.07 7.62 -9.47
C TYR B 882 12.87 8.54 -8.28
N PHE B 883 13.57 8.29 -7.18
CA PHE B 883 13.53 9.18 -6.02
C PHE B 883 13.98 10.59 -6.41
N GLN B 884 15.16 10.71 -7.00
CA GLN B 884 15.68 12.00 -7.40
C GLN B 884 14.81 12.63 -8.48
N LEU B 885 14.27 11.81 -9.39
CA LEU B 885 13.38 12.33 -10.42
C LEU B 885 12.14 12.98 -9.79
N TYR B 886 11.45 12.24 -8.93
CA TYR B 886 10.25 12.75 -8.26
C TYR B 886 10.57 14.02 -7.48
N HIS B 887 11.68 14.02 -6.75
CA HIS B 887 11.97 15.18 -5.91
C HIS B 887 12.39 16.39 -6.73
N TYR B 888 13.11 16.19 -7.84
CA TYR B 888 13.42 17.30 -8.72
C TYR B 888 12.16 17.88 -9.33
N ILE B 889 11.22 17.02 -9.75
CA ILE B 889 9.97 17.52 -10.32
C ILE B 889 9.18 18.30 -9.27
N MET B 890 9.11 17.77 -8.04
CA MET B 890 8.38 18.47 -6.99
C MET B 890 9.01 19.82 -6.66
N GLN B 891 10.35 19.87 -6.58
CA GLN B 891 11.01 21.12 -6.28
C GLN B 891 10.85 22.12 -7.42
N ARG B 892 10.84 21.64 -8.67
CA ARG B 892 10.63 22.53 -9.80
C ARG B 892 9.21 23.11 -9.78
N ILE B 893 8.22 22.28 -9.40
CA ILE B 893 6.85 22.79 -9.30
C ILE B 893 6.75 23.82 -8.19
N ILE B 894 7.32 23.52 -7.03
CA ILE B 894 7.28 24.46 -5.91
C ILE B 894 7.99 25.77 -6.28
N MET B 895 9.08 25.68 -7.03
CA MET B 895 9.77 26.87 -7.49
C MET B 895 8.90 27.67 -8.45
N ASN B 896 8.30 26.99 -9.44
CA ASN B 896 7.40 27.67 -10.37
C ASN B 896 6.25 28.34 -9.63
N GLU B 897 5.89 27.82 -8.46
CA GLU B 897 4.85 28.46 -7.65
C GLU B 897 5.40 29.46 -6.65
N ARG B 898 6.62 29.25 -6.12
CA ARG B 898 7.14 30.07 -5.03
C ARG B 898 8.59 30.46 -5.28
N TYR B 899 8.90 30.97 -6.48
CA TYR B 899 10.25 31.47 -6.72
C TYR B 899 10.38 32.94 -6.32
N GLU B 900 9.55 33.81 -6.91
CA GLU B 900 9.64 35.23 -6.62
C GLU B 900 9.08 35.58 -5.24
N LYS B 901 8.31 34.68 -4.63
CA LYS B 901 7.72 34.95 -3.33
C LYS B 901 8.58 34.47 -2.18
N SER B 902 9.49 33.53 -2.41
CA SER B 902 10.33 33.02 -1.35
C SER B 902 11.51 33.95 -1.10
N SER B 903 12.16 33.76 0.06
CA SER B 903 13.30 34.57 0.45
C SER B 903 14.12 33.78 1.46
N GLY B 904 15.24 34.36 1.89
CA GLY B 904 16.09 33.72 2.86
C GLY B 904 16.91 32.58 2.28
N LYS B 905 17.12 31.54 3.08
CA LYS B 905 17.92 30.40 2.63
C LYS B 905 17.16 29.54 1.62
N VAL B 906 15.83 29.59 1.61
CA VAL B 906 15.05 28.81 0.66
C VAL B 906 15.32 29.28 -0.77
N SER B 907 15.49 30.60 -0.95
CA SER B 907 15.84 31.12 -2.27
C SER B 907 17.21 30.63 -2.72
N GLU B 908 18.15 30.49 -1.77
CA GLU B 908 19.46 29.93 -2.12
C GLU B 908 19.33 28.49 -2.60
N TYR B 909 18.48 27.70 -1.96
CA TYR B 909 18.28 26.33 -2.39
C TYR B 909 17.59 26.26 -3.75
N PHE B 910 16.64 27.18 -3.99
CA PHE B 910 16.01 27.24 -5.30
C PHE B 910 17.03 27.59 -6.39
N ASP B 911 17.91 28.55 -6.11
CA ASP B 911 18.95 28.90 -7.07
C ASP B 911 19.91 27.73 -7.29
N ALA B 912 20.22 26.97 -6.23
CA ALA B 912 21.08 25.81 -6.38
C ALA B 912 20.42 24.74 -7.23
N VAL B 913 19.11 24.54 -7.07
CA VAL B 913 18.38 23.59 -7.91
C VAL B 913 18.37 24.05 -9.36
N ASN B 914 18.21 25.37 -9.58
CA ASN B 914 18.22 25.89 -10.94
C ASN B 914 19.58 25.72 -11.59
N ASP B 915 20.66 25.94 -10.83
CA ASP B 915 22.01 25.87 -11.41
C ASP B 915 22.48 24.43 -11.56
N GLU B 916 22.22 23.59 -10.56
CA GLU B 916 22.71 22.21 -10.59
C GLU B 916 21.77 21.26 -11.32
N LYS B 917 20.50 21.65 -11.52
CA LYS B 917 19.52 20.84 -12.24
C LYS B 917 19.34 19.47 -11.57
N LYS B 918 19.32 19.46 -10.25
CA LYS B 918 19.06 18.25 -9.49
C LYS B 918 18.41 18.62 -8.17
N TYR B 919 17.88 17.61 -7.48
CA TYR B 919 17.21 17.84 -6.21
C TYR B 919 18.21 18.25 -5.15
N ASN B 920 17.75 19.07 -4.21
CA ASN B 920 18.57 19.58 -3.12
C ASN B 920 18.25 18.82 -1.84
N ASP B 921 19.27 18.17 -1.27
CA ASP B 921 19.05 17.39 -0.06
C ASP B 921 18.68 18.27 1.12
N ARG B 922 19.28 19.46 1.22
CA ARG B 922 18.95 20.37 2.31
C ARG B 922 17.53 20.90 2.18
N LEU B 923 17.14 21.28 0.96
CA LEU B 923 15.76 21.70 0.74
C LEU B 923 14.78 20.56 1.00
N LEU B 924 15.18 19.33 0.71
CA LEU B 924 14.32 18.19 0.99
C LEU B 924 14.15 17.98 2.49
N LYS B 925 15.24 17.97 3.24
CA LYS B 925 15.16 17.79 4.68
C LYS B 925 14.49 18.97 5.36
N LEU B 926 14.47 20.14 4.74
CA LEU B 926 13.66 21.24 5.26
C LEU B 926 12.18 21.01 5.01
N LEU B 927 11.84 20.31 3.92
CA LEU B 927 10.45 19.97 3.66
C LEU B 927 9.97 18.79 4.51
N CYS B 928 10.90 18.00 5.05
CA CYS B 928 10.55 16.88 5.92
C CYS B 928 10.49 17.27 7.39
N VAL B 929 10.58 18.57 7.70
CA VAL B 929 10.46 19.01 9.10
C VAL B 929 9.13 18.60 9.71
N PRO B 930 7.98 18.71 9.02
CA PRO B 930 6.75 18.15 9.59
C PRO B 930 6.86 16.69 10.01
N PHE B 931 7.73 15.92 9.36
CA PHE B 931 8.00 14.54 9.76
C PHE B 931 9.03 14.45 10.88
N GLY B 932 9.37 15.58 11.51
CA GLY B 932 10.46 15.59 12.48
C GLY B 932 10.13 14.89 13.78
N TYR B 933 8.84 14.80 14.11
CA TYR B 933 8.46 14.15 15.37
C TYR B 933 8.80 12.67 15.36
N CYS B 934 8.84 12.05 14.18
CA CYS B 934 9.22 10.65 14.02
C CYS B 934 10.56 10.61 13.31
N ILE B 935 11.61 10.23 14.04
CA ILE B 935 12.96 10.22 13.46
C ILE B 935 13.12 9.18 12.37
N PRO B 936 12.61 7.94 12.52
CA PRO B 936 12.72 6.99 11.39
C PRO B 936 12.04 7.48 10.12
N ARG B 937 10.83 8.02 10.23
CA ARG B 937 10.15 8.54 9.05
C ARG B 937 10.90 9.75 8.47
N PHE B 938 11.42 10.61 9.34
CA PHE B 938 12.16 11.78 8.88
C PHE B 938 13.42 11.36 8.12
N LYS B 939 14.09 10.31 8.59
CA LYS B 939 15.30 9.86 7.90
C LYS B 939 14.98 9.07 6.63
N ASN B 940 13.85 8.36 6.60
CA ASN B 940 13.51 7.59 5.41
C ASN B 940 12.99 8.50 4.29
N LEU B 941 12.27 9.56 4.65
CA LEU B 941 11.69 10.45 3.64
C LEU B 941 12.61 11.60 3.25
N SER B 942 13.79 11.70 3.86
CA SER B 942 14.74 12.75 3.51
C SER B 942 16.07 12.22 3.00
N ILE B 943 16.37 10.94 3.19
CA ILE B 943 17.63 10.33 2.74
C ILE B 943 17.28 9.29 1.68
N GLU B 944 17.96 9.37 0.53
CA GLU B 944 17.69 8.43 -0.56
C GLU B 944 18.14 7.03 -0.22
N ALA B 945 19.23 6.88 0.53
CA ALA B 945 19.73 5.56 0.86
C ALA B 945 18.79 4.79 1.78
N LEU B 946 17.99 5.50 2.57
CA LEU B 946 17.07 4.89 3.51
C LEU B 946 15.61 4.95 3.07
N PHE B 947 15.36 5.44 1.85
CA PHE B 947 13.98 5.58 1.38
C PHE B 947 13.42 4.23 0.93
N ASP B 948 14.03 3.62 -0.07
CA ASP B 948 13.54 2.37 -0.63
C ASP B 948 14.22 1.18 0.06
N ARG B 949 13.40 0.25 0.55
CA ARG B 949 13.94 -0.95 1.18
C ARG B 949 14.46 -1.94 0.17
N ASN B 950 13.95 -1.89 -1.07
CA ASN B 950 14.40 -2.82 -2.11
C ASN B 950 15.74 -2.40 -2.70
N GLU B 951 16.01 -1.10 -2.76
CA GLU B 951 17.26 -0.57 -3.31
C GLU B 951 18.32 -0.37 -2.24
N ALA B 952 18.16 -0.99 -1.07
CA ALA B 952 19.14 -0.83 0.01
C ALA B 952 20.45 -1.52 -0.30
N ALA B 953 20.45 -2.55 -1.16
CA ALA B 953 21.69 -3.23 -1.50
C ALA B 953 22.59 -2.36 -2.36
N LYS B 954 22.02 -1.41 -3.10
CA LYS B 954 22.84 -0.52 -3.93
C LYS B 954 23.61 0.47 -3.07
N PHE B 955 23.00 0.96 -1.99
CA PHE B 955 23.66 1.91 -1.10
C PHE B 955 24.46 1.19 -0.03
MG MG C . 3.82 -2.20 12.61
#